data_2MWT
#
_entry.id   2MWT
#
_entity_poly.entity_id   1
_entity_poly.type   'polypeptide(L)'
_entity_poly.pdbx_seq_one_letter_code
;KRFKKFFKKVKKSVKKRLKKIFKKPMVIGVTIPF
;
_entity_poly.pdbx_strand_id   A
#
# COMPACT_ATOMS: atom_id res chain seq x y z
N LYS A 1 -8.78 23.83 -5.84
CA LYS A 1 -8.15 22.60 -5.37
C LYS A 1 -9.20 21.58 -4.97
N ARG A 2 -9.83 20.96 -5.95
CA ARG A 2 -10.86 19.95 -5.70
C ARG A 2 -10.27 18.55 -5.76
N PHE A 3 -9.20 18.39 -6.52
CA PHE A 3 -8.54 17.09 -6.67
C PHE A 3 -7.86 16.69 -5.36
N LYS A 4 -7.51 17.69 -4.55
CA LYS A 4 -6.85 17.43 -3.27
C LYS A 4 -7.62 16.41 -2.45
N LYS A 5 -8.95 16.50 -2.50
CA LYS A 5 -9.81 15.58 -1.77
C LYS A 5 -9.72 14.17 -2.34
N PHE A 6 -9.50 14.08 -3.64
CA PHE A 6 -9.40 12.79 -4.31
C PHE A 6 -8.12 12.06 -3.89
N PHE A 7 -7.04 12.82 -3.75
CA PHE A 7 -5.75 12.25 -3.35
C PHE A 7 -5.89 11.41 -2.10
N LYS A 8 -6.44 12.02 -1.04
CA LYS A 8 -6.64 11.32 0.23
C LYS A 8 -7.48 10.06 0.03
N LYS A 9 -8.31 10.06 -1.01
CA LYS A 9 -9.15 8.91 -1.30
C LYS A 9 -8.37 7.82 -2.01
N VAL A 10 -7.46 8.23 -2.89
CA VAL A 10 -6.63 7.30 -3.64
C VAL A 10 -5.72 6.50 -2.72
N LYS A 11 -5.36 7.11 -1.59
CA LYS A 11 -4.50 6.47 -0.62
C LYS A 11 -5.11 5.17 -0.10
N LYS A 12 -6.44 5.14 -0.05
CA LYS A 12 -7.16 3.96 0.42
C LYS A 12 -7.21 2.89 -0.66
N SER A 13 -7.60 3.29 -1.87
CA SER A 13 -7.69 2.36 -2.99
C SER A 13 -6.32 1.80 -3.35
N VAL A 14 -5.37 2.70 -3.61
CA VAL A 14 -4.01 2.29 -3.95
C VAL A 14 -3.40 1.43 -2.86
N LYS A 15 -3.77 1.70 -1.62
CA LYS A 15 -3.26 0.95 -0.48
C LYS A 15 -3.42 -0.55 -0.70
N LYS A 16 -4.48 -0.93 -1.39
CA LYS A 16 -4.74 -2.34 -1.68
C LYS A 16 -3.85 -2.85 -2.81
N ARG A 17 -3.56 -1.96 -3.77
CA ARG A 17 -2.72 -2.32 -4.91
C ARG A 17 -1.31 -2.68 -4.44
N LEU A 18 -0.80 -1.91 -3.48
CA LEU A 18 0.54 -2.14 -2.96
C LEU A 18 0.67 -3.55 -2.39
N LYS A 19 -0.46 -4.13 -1.97
CA LYS A 19 -0.47 -5.47 -1.42
C LYS A 19 0.21 -6.46 -2.36
N LYS A 20 0.09 -6.20 -3.66
CA LYS A 20 0.70 -7.07 -4.67
C LYS A 20 2.19 -6.80 -4.79
N ILE A 21 2.58 -5.55 -4.55
CA ILE A 21 3.98 -5.16 -4.63
C ILE A 21 4.76 -5.68 -3.42
N PHE A 22 4.08 -5.89 -2.31
CA PHE A 22 4.70 -6.38 -1.10
C PHE A 22 4.47 -7.88 -0.94
N LYS A 23 4.53 -8.60 -2.05
CA LYS A 23 4.33 -10.04 -2.04
C LYS A 23 5.66 -10.78 -1.98
N LYS A 24 6.69 -10.08 -1.51
CA LYS A 24 8.03 -10.67 -1.41
C LYS A 24 8.15 -11.53 -0.14
N PRO A 25 9.14 -12.42 -0.12
CA PRO A 25 9.39 -13.30 1.01
C PRO A 25 9.91 -12.55 2.24
N MET A 26 10.42 -11.35 2.00
CA MET A 26 10.95 -10.53 3.09
C MET A 26 9.82 -10.00 3.97
N VAL A 27 8.73 -9.58 3.34
CA VAL A 27 7.58 -9.05 4.07
C VAL A 27 6.95 -10.12 4.95
N ILE A 28 6.37 -9.68 6.07
CA ILE A 28 5.74 -10.60 7.00
C ILE A 28 4.26 -10.29 7.17
N GLY A 29 3.44 -11.32 7.35
CA GLY A 29 2.02 -11.13 7.52
C GLY A 29 1.27 -11.11 6.21
N VAL A 30 1.62 -12.03 5.32
CA VAL A 30 0.98 -12.12 4.01
C VAL A 30 0.84 -13.56 3.56
N THR A 31 -0.39 -14.01 3.39
CA THR A 31 -0.67 -15.38 2.96
C THR A 31 -1.14 -15.42 1.51
N ILE A 32 -0.72 -16.44 0.79
CA ILE A 32 -1.09 -16.61 -0.62
C ILE A 32 -2.60 -16.78 -0.76
N PRO A 33 -3.19 -16.01 -1.69
CA PRO A 33 -4.63 -16.06 -1.95
C PRO A 33 -5.05 -17.36 -2.61
N PHE A 34 -5.62 -18.27 -1.82
CA PHE A 34 -6.07 -19.56 -2.33
C PHE A 34 -7.59 -19.71 -2.18
N LYS A 1 -7.17 22.05 -5.58
CA LYS A 1 -7.85 22.35 -4.32
C LYS A 1 -8.89 21.27 -3.99
N ARG A 2 -9.80 21.03 -4.92
CA ARG A 2 -10.84 20.03 -4.72
C ARG A 2 -10.28 18.62 -4.93
N PHE A 3 -9.38 18.49 -5.90
CA PHE A 3 -8.78 17.20 -6.20
C PHE A 3 -7.96 16.69 -5.03
N LYS A 4 -7.48 17.63 -4.20
CA LYS A 4 -6.68 17.28 -3.03
C LYS A 4 -7.38 16.23 -2.18
N LYS A 5 -8.70 16.33 -2.08
CA LYS A 5 -9.49 15.38 -1.30
C LYS A 5 -9.49 14.01 -1.96
N PHE A 6 -9.44 13.99 -3.29
CA PHE A 6 -9.43 12.74 -4.04
C PHE A 6 -8.14 11.98 -3.82
N PHE A 7 -7.02 12.70 -3.77
CA PHE A 7 -5.72 12.09 -3.56
C PHE A 7 -5.73 11.19 -2.34
N LYS A 8 -6.13 11.73 -1.20
CA LYS A 8 -6.19 10.98 0.04
C LYS A 8 -7.04 9.73 -0.13
N LYS A 9 -8.00 9.79 -1.06
CA LYS A 9 -8.88 8.65 -1.32
C LYS A 9 -8.19 7.61 -2.20
N VAL A 10 -7.38 8.09 -3.14
CA VAL A 10 -6.65 7.20 -4.04
C VAL A 10 -5.63 6.36 -3.29
N LYS A 11 -5.07 6.94 -2.24
CA LYS A 11 -4.07 6.25 -1.43
C LYS A 11 -4.67 5.02 -0.74
N LYS A 12 -5.97 5.12 -0.42
CA LYS A 12 -6.67 4.02 0.23
C LYS A 12 -6.93 2.88 -0.74
N SER A 13 -7.51 3.21 -1.89
CA SER A 13 -7.82 2.21 -2.91
C SER A 13 -6.53 1.64 -3.51
N VAL A 14 -5.68 2.52 -4.01
CA VAL A 14 -4.42 2.11 -4.62
C VAL A 14 -3.61 1.24 -3.66
N LYS A 15 -3.73 1.53 -2.37
CA LYS A 15 -3.01 0.77 -1.35
C LYS A 15 -3.23 -0.73 -1.53
N LYS A 16 -4.48 -1.12 -1.76
CA LYS A 16 -4.83 -2.52 -1.95
C LYS A 16 -4.09 -3.11 -3.15
N ARG A 17 -3.82 -2.26 -4.13
CA ARG A 17 -3.11 -2.70 -5.34
C ARG A 17 -1.65 -3.00 -5.03
N LEU A 18 -0.94 -2.00 -4.51
CA LEU A 18 0.47 -2.17 -4.17
C LEU A 18 0.65 -3.24 -3.10
N LYS A 19 -0.38 -3.45 -2.30
CA LYS A 19 -0.33 -4.45 -1.23
C LYS A 19 0.10 -5.80 -1.78
N LYS A 20 -0.22 -6.06 -3.04
CA LYS A 20 0.13 -7.31 -3.68
C LYS A 20 1.59 -7.30 -4.15
N ILE A 21 2.06 -6.13 -4.55
CA ILE A 21 3.44 -5.97 -5.01
C ILE A 21 4.42 -6.05 -3.84
N PHE A 22 3.94 -5.69 -2.66
CA PHE A 22 4.78 -5.72 -1.46
C PHE A 22 4.55 -7.00 -0.67
N LYS A 23 4.40 -8.11 -1.38
CA LYS A 23 4.18 -9.40 -0.75
C LYS A 23 5.49 -9.96 -0.19
N LYS A 24 6.59 -9.62 -0.84
CA LYS A 24 7.91 -10.09 -0.40
C LYS A 24 8.31 -9.43 0.91
N PRO A 25 9.28 -10.05 1.61
CA PRO A 25 9.78 -9.54 2.90
C PRO A 25 10.58 -8.26 2.73
N MET A 26 10.00 -7.13 3.14
CA MET A 26 10.67 -5.84 3.04
C MET A 26 11.87 -5.77 3.97
N VAL A 27 11.61 -5.72 5.26
CA VAL A 27 12.66 -5.65 6.26
C VAL A 27 12.11 -5.78 7.67
N ILE A 28 12.88 -6.42 8.56
CA ILE A 28 12.45 -6.62 9.93
C ILE A 28 13.39 -5.89 10.90
N GLY A 29 12.82 -5.41 12.01
CA GLY A 29 13.62 -4.71 12.99
C GLY A 29 13.29 -3.23 13.07
N VAL A 30 12.67 -2.71 12.00
CA VAL A 30 12.29 -1.31 11.95
C VAL A 30 10.99 -1.12 11.18
N THR A 31 10.02 -0.47 11.82
CA THR A 31 8.73 -0.22 11.20
C THR A 31 8.39 1.26 11.22
N ILE A 32 7.70 1.71 10.18
CA ILE A 32 7.31 3.11 10.08
C ILE A 32 6.54 3.56 11.31
N PRO A 33 6.94 4.71 11.88
CA PRO A 33 6.28 5.27 13.07
C PRO A 33 4.88 5.78 12.78
N PHE A 34 4.75 6.57 11.72
CA PHE A 34 3.46 7.13 11.34
C PHE A 34 2.80 7.84 12.51
N LYS A 1 -9.50 23.71 -5.03
CA LYS A 1 -8.74 22.53 -4.61
C LYS A 1 -9.69 21.37 -4.26
N ARG A 2 -10.45 20.92 -5.25
CA ARG A 2 -11.39 19.83 -5.05
C ARG A 2 -10.70 18.48 -5.23
N PHE A 3 -9.64 18.47 -6.02
CA PHE A 3 -8.89 17.24 -6.28
C PHE A 3 -8.11 16.81 -5.04
N LYS A 4 -7.79 17.78 -4.18
CA LYS A 4 -7.05 17.51 -2.95
C LYS A 4 -7.71 16.38 -2.17
N LYS A 5 -9.05 16.35 -2.18
CA LYS A 5 -9.80 15.32 -1.46
C LYS A 5 -9.65 13.97 -2.15
N PHE A 6 -9.52 13.99 -3.47
CA PHE A 6 -9.36 12.76 -4.24
C PHE A 6 -8.04 12.07 -3.92
N PHE A 7 -6.98 12.86 -3.80
CA PHE A 7 -5.66 12.34 -3.49
C PHE A 7 -5.71 11.42 -2.26
N LYS A 8 -6.37 11.89 -1.22
CA LYS A 8 -6.49 11.13 0.01
C LYS A 8 -7.28 9.83 -0.22
N LYS A 9 -8.15 9.86 -1.21
CA LYS A 9 -8.97 8.70 -1.55
C LYS A 9 -8.16 7.67 -2.34
N VAL A 10 -7.26 8.17 -3.19
CA VAL A 10 -6.42 7.30 -4.01
C VAL A 10 -5.46 6.50 -3.14
N LYS A 11 -5.03 7.10 -2.04
CA LYS A 11 -4.10 6.45 -1.12
C LYS A 11 -4.72 5.20 -0.51
N LYS A 12 -6.04 5.23 -0.33
CA LYS A 12 -6.76 4.10 0.24
C LYS A 12 -6.88 2.95 -0.77
N SER A 13 -7.35 3.28 -1.96
CA SER A 13 -7.52 2.29 -3.02
C SER A 13 -6.16 1.76 -3.48
N VAL A 14 -5.28 2.67 -3.89
CA VAL A 14 -3.95 2.30 -4.35
C VAL A 14 -3.23 1.45 -3.30
N LYS A 15 -3.50 1.73 -2.03
CA LYS A 15 -2.87 1.00 -0.95
C LYS A 15 -3.02 -0.51 -1.15
N LYS A 16 -4.18 -0.92 -1.61
CA LYS A 16 -4.46 -2.34 -1.84
C LYS A 16 -3.66 -2.86 -3.04
N ARG A 17 -3.44 -1.98 -4.01
CA ARG A 17 -2.68 -2.35 -5.20
C ARG A 17 -1.25 -2.76 -4.85
N LEU A 18 -0.54 -1.87 -4.17
CA LEU A 18 0.84 -2.13 -3.77
C LEU A 18 0.90 -3.31 -2.80
N LYS A 19 -0.20 -3.55 -2.08
CA LYS A 19 -0.27 -4.64 -1.13
C LYS A 19 0.14 -5.96 -1.78
N LYS A 20 -0.13 -6.08 -3.07
CA LYS A 20 0.21 -7.29 -3.81
C LYS A 20 1.69 -7.29 -4.20
N ILE A 21 2.23 -6.10 -4.45
CA ILE A 21 3.63 -5.96 -4.83
C ILE A 21 4.55 -6.17 -3.64
N PHE A 22 4.02 -5.91 -2.44
CA PHE A 22 4.79 -6.06 -1.22
C PHE A 22 4.48 -7.40 -0.53
N LYS A 23 4.11 -8.39 -1.34
CA LYS A 23 3.78 -9.72 -0.83
C LYS A 23 5.04 -10.55 -0.62
N LYS A 24 6.02 -10.36 -1.50
CA LYS A 24 7.28 -11.10 -1.41
C LYS A 24 8.03 -10.74 -0.14
N PRO A 25 8.97 -11.61 0.27
CA PRO A 25 9.77 -11.40 1.47
C PRO A 25 10.76 -10.25 1.33
N MET A 26 11.00 -9.84 0.08
CA MET A 26 11.93 -8.75 -0.19
C MET A 26 11.54 -7.50 0.59
N VAL A 27 10.26 -7.38 0.90
CA VAL A 27 9.75 -6.23 1.64
C VAL A 27 10.54 -6.02 2.93
N ILE A 28 10.68 -4.76 3.34
CA ILE A 28 11.42 -4.44 4.56
C ILE A 28 10.47 -4.06 5.69
N GLY A 29 10.83 -4.43 6.91
CA GLY A 29 10.00 -4.12 8.07
C GLY A 29 9.37 -5.36 8.68
N VAL A 30 10.07 -6.49 8.56
CA VAL A 30 9.57 -7.75 9.11
C VAL A 30 10.72 -8.64 9.56
N THR A 31 10.67 -9.06 10.82
CA THR A 31 11.71 -9.91 11.38
C THR A 31 11.13 -10.88 12.41
N ILE A 32 11.68 -12.09 12.45
CA ILE A 32 11.22 -13.11 13.39
C ILE A 32 11.55 -12.72 14.83
N PRO A 33 10.55 -12.82 15.71
CA PRO A 33 10.72 -12.50 17.13
C PRO A 33 11.60 -13.51 17.86
N PHE A 34 11.30 -14.79 17.66
CA PHE A 34 12.07 -15.86 18.31
C PHE A 34 12.16 -15.63 19.81
N LYS A 1 -7.00 21.91 -5.40
CA LYS A 1 -8.06 22.57 -4.64
C LYS A 1 -9.14 21.57 -4.23
N ARG A 2 -9.82 21.00 -5.23
CA ARG A 2 -10.88 20.03 -4.98
C ARG A 2 -10.36 18.61 -5.11
N PHE A 3 -9.52 18.39 -6.13
CA PHE A 3 -8.95 17.07 -6.38
C PHE A 3 -8.09 16.62 -5.20
N LYS A 4 -7.57 17.59 -4.45
CA LYS A 4 -6.73 17.30 -3.30
C LYS A 4 -7.41 16.30 -2.37
N LYS A 5 -8.72 16.45 -2.20
CA LYS A 5 -9.49 15.56 -1.34
C LYS A 5 -9.53 14.15 -1.91
N PHE A 6 -9.52 14.06 -3.24
CA PHE A 6 -9.56 12.77 -3.91
C PHE A 6 -8.26 12.00 -3.71
N PHE A 7 -7.15 12.73 -3.75
CA PHE A 7 -5.83 12.12 -3.56
C PHE A 7 -5.80 11.27 -2.30
N LYS A 8 -6.15 11.87 -1.17
CA LYS A 8 -6.16 11.15 0.10
C LYS A 8 -7.03 9.91 0.02
N LYS A 9 -8.02 9.93 -0.86
CA LYS A 9 -8.92 8.80 -1.04
C LYS A 9 -8.28 7.72 -1.90
N VAL A 10 -7.48 8.14 -2.89
CA VAL A 10 -6.81 7.21 -3.78
C VAL A 10 -5.75 6.41 -3.03
N LYS A 11 -5.20 6.99 -1.97
CA LYS A 11 -4.19 6.33 -1.18
C LYS A 11 -4.72 5.03 -0.58
N LYS A 12 -6.02 4.99 -0.31
CA LYS A 12 -6.66 3.80 0.25
C LYS A 12 -6.89 2.75 -0.83
N SER A 13 -7.48 3.18 -1.94
CA SER A 13 -7.76 2.28 -3.05
C SER A 13 -6.47 1.72 -3.65
N VAL A 14 -5.58 2.61 -4.04
CA VAL A 14 -4.31 2.22 -4.62
C VAL A 14 -3.51 1.33 -3.67
N LYS A 15 -3.68 1.57 -2.37
CA LYS A 15 -2.98 0.80 -1.35
C LYS A 15 -3.19 -0.69 -1.57
N LYS A 16 -4.36 -1.06 -2.06
CA LYS A 16 -4.67 -2.46 -2.31
C LYS A 16 -3.80 -3.02 -3.42
N ARG A 17 -3.53 -2.21 -4.43
CA ARG A 17 -2.69 -2.63 -5.55
C ARG A 17 -1.27 -2.94 -5.08
N LEU A 18 -0.67 -2.00 -4.38
CA LEU A 18 0.70 -2.18 -3.87
C LEU A 18 0.74 -3.29 -2.84
N LYS A 19 -0.39 -3.55 -2.18
CA LYS A 19 -0.47 -4.60 -1.18
C LYS A 19 0.05 -5.92 -1.73
N LYS A 20 -0.11 -6.12 -3.03
CA LYS A 20 0.35 -7.34 -3.68
C LYS A 20 1.84 -7.27 -3.98
N ILE A 21 2.33 -6.07 -4.27
CA ILE A 21 3.75 -5.89 -4.57
C ILE A 21 4.59 -5.97 -3.31
N PHE A 22 3.98 -5.68 -2.17
CA PHE A 22 4.68 -5.73 -0.89
C PHE A 22 4.41 -7.05 -0.17
N LYS A 23 4.19 -8.10 -0.94
CA LYS A 23 3.92 -9.42 -0.38
C LYS A 23 5.20 -10.24 -0.27
N LYS A 24 6.12 -10.02 -1.21
CA LYS A 24 7.39 -10.74 -1.22
C LYS A 24 8.56 -9.77 -1.43
N PRO A 25 9.76 -10.22 -1.06
CA PRO A 25 10.98 -9.42 -1.20
C PRO A 25 11.38 -9.23 -2.66
N MET A 26 11.35 -7.98 -3.12
CA MET A 26 11.72 -7.66 -4.49
C MET A 26 13.03 -6.88 -4.54
N VAL A 27 13.06 -5.74 -3.88
CA VAL A 27 14.24 -4.90 -3.85
C VAL A 27 15.42 -5.63 -3.21
N ILE A 28 16.63 -5.25 -3.61
CA ILE A 28 17.83 -5.88 -3.07
C ILE A 28 18.62 -4.90 -2.21
N GLY A 29 19.22 -5.42 -1.14
CA GLY A 29 20.00 -4.58 -0.25
C GLY A 29 19.28 -4.29 1.06
N VAL A 30 18.45 -5.22 1.49
CA VAL A 30 17.69 -5.07 2.73
C VAL A 30 17.44 -6.42 3.39
N THR A 31 17.81 -6.52 4.66
CA THR A 31 17.63 -7.75 5.42
C THR A 31 16.48 -7.63 6.41
N ILE A 32 15.75 -8.73 6.59
CA ILE A 32 14.61 -8.74 7.51
C ILE A 32 15.09 -8.62 8.96
N PRO A 33 14.45 -7.70 9.71
CA PRO A 33 14.78 -7.46 11.11
C PRO A 33 14.37 -8.63 12.02
N PHE A 34 15.34 -9.47 12.35
CA PHE A 34 15.07 -10.62 13.21
C PHE A 34 16.34 -11.06 13.93
N LYS A 1 -7.94 22.17 -5.87
CA LYS A 1 -8.88 22.59 -4.84
C LYS A 1 -9.87 21.48 -4.51
N ARG A 2 -10.42 20.86 -5.55
CA ARG A 2 -11.38 19.77 -5.37
C ARG A 2 -10.69 18.42 -5.47
N PHE A 3 -9.64 18.35 -6.29
CA PHE A 3 -8.90 17.11 -6.47
C PHE A 3 -8.13 16.73 -5.20
N LYS A 4 -7.84 17.74 -4.38
CA LYS A 4 -7.11 17.52 -3.14
C LYS A 4 -7.77 16.43 -2.30
N LYS A 5 -9.10 16.42 -2.30
CA LYS A 5 -9.86 15.43 -1.54
C LYS A 5 -9.67 14.03 -2.13
N PHE A 6 -9.47 13.97 -3.45
CA PHE A 6 -9.27 12.70 -4.14
C PHE A 6 -7.91 12.11 -3.80
N PHE A 7 -6.92 12.97 -3.66
CA PHE A 7 -5.56 12.54 -3.34
C PHE A 7 -5.56 11.62 -2.12
N LYS A 8 -6.35 11.99 -1.10
CA LYS A 8 -6.45 11.20 0.11
C LYS A 8 -7.22 9.90 -0.12
N LYS A 9 -8.11 9.93 -1.11
CA LYS A 9 -8.90 8.75 -1.46
C LYS A 9 -8.08 7.74 -2.23
N VAL A 10 -7.12 8.24 -3.01
CA VAL A 10 -6.26 7.38 -3.81
C VAL A 10 -5.36 6.52 -2.92
N LYS A 11 -4.98 7.07 -1.78
CA LYS A 11 -4.14 6.36 -0.83
C LYS A 11 -4.83 5.11 -0.30
N LYS A 12 -6.15 5.17 -0.19
CA LYS A 12 -6.94 4.05 0.30
C LYS A 12 -7.02 2.94 -0.75
N SER A 13 -7.42 3.31 -1.96
CA SER A 13 -7.53 2.34 -3.05
C SER A 13 -6.17 1.80 -3.45
N VAL A 14 -5.25 2.71 -3.78
CA VAL A 14 -3.90 2.32 -4.17
C VAL A 14 -3.25 1.42 -3.12
N LYS A 15 -3.58 1.66 -1.86
CA LYS A 15 -3.04 0.88 -0.76
C LYS A 15 -3.22 -0.61 -1.02
N LYS A 16 -4.37 -0.98 -1.55
CA LYS A 16 -4.68 -2.38 -1.85
C LYS A 16 -3.84 -2.87 -3.04
N ARG A 17 -3.54 -1.96 -3.96
CA ARG A 17 -2.75 -2.30 -5.14
C ARG A 17 -1.34 -2.70 -4.75
N LEU A 18 -0.63 -1.80 -4.08
CA LEU A 18 0.74 -2.06 -3.64
C LEU A 18 0.80 -3.33 -2.79
N LYS A 19 -0.30 -3.65 -2.14
CA LYS A 19 -0.37 -4.84 -1.29
C LYS A 19 0.08 -6.08 -2.05
N LYS A 20 -0.11 -6.07 -3.36
CA LYS A 20 0.28 -7.20 -4.20
C LYS A 20 1.77 -7.14 -4.52
N ILE A 21 2.29 -5.92 -4.64
CA ILE A 21 3.71 -5.74 -4.94
C ILE A 21 4.58 -6.07 -3.73
N PHE A 22 4.00 -5.95 -2.54
CA PHE A 22 4.72 -6.23 -1.31
C PHE A 22 4.38 -7.64 -0.80
N LYS A 23 4.28 -8.59 -1.72
CA LYS A 23 3.97 -9.97 -1.37
C LYS A 23 5.24 -10.80 -1.25
N LYS A 24 6.36 -10.12 -1.02
CA LYS A 24 7.65 -10.79 -0.88
C LYS A 24 8.01 -10.97 0.59
N PRO A 25 8.94 -11.90 0.87
CA PRO A 25 9.39 -12.19 2.23
C PRO A 25 10.23 -11.05 2.81
N MET A 26 9.59 -10.21 3.63
CA MET A 26 10.28 -9.08 4.24
C MET A 26 10.70 -9.42 5.67
N VAL A 27 9.74 -9.81 6.49
CA VAL A 27 10.01 -10.16 7.88
C VAL A 27 10.87 -11.42 7.97
N ILE A 28 11.81 -11.41 8.90
CA ILE A 28 12.70 -12.55 9.09
C ILE A 28 12.57 -13.13 10.49
N GLY A 29 12.50 -14.45 10.59
CA GLY A 29 12.37 -15.09 11.88
C GLY A 29 10.99 -15.66 12.12
N VAL A 30 10.31 -16.03 11.04
CA VAL A 30 8.97 -16.59 11.13
C VAL A 30 8.73 -17.64 10.05
N THR A 31 8.32 -18.84 10.48
CA THR A 31 8.06 -19.93 9.55
C THR A 31 6.64 -19.83 8.98
N ILE A 32 6.50 -20.22 7.71
CA ILE A 32 5.20 -20.18 7.05
C ILE A 32 4.21 -21.13 7.72
N PRO A 33 3.00 -20.61 8.01
CA PRO A 33 1.95 -21.40 8.66
C PRO A 33 1.38 -22.48 7.74
N PHE A 34 2.08 -23.60 7.66
CA PHE A 34 1.64 -24.71 6.81
C PHE A 34 1.03 -25.83 7.66
N LYS A 1 -8.22 23.02 -7.96
CA LYS A 1 -9.45 22.23 -7.90
C LYS A 1 -9.55 21.52 -6.55
N ARG A 2 -10.60 20.70 -6.39
CA ARG A 2 -10.83 19.96 -5.16
C ARG A 2 -10.25 18.56 -5.25
N PHE A 3 -9.39 18.34 -6.23
CA PHE A 3 -8.76 17.04 -6.43
C PHE A 3 -7.99 16.62 -5.19
N LYS A 4 -7.55 17.60 -4.40
CA LYS A 4 -6.79 17.33 -3.19
C LYS A 4 -7.52 16.31 -2.31
N LYS A 5 -8.84 16.43 -2.25
CA LYS A 5 -9.65 15.53 -1.44
C LYS A 5 -9.62 14.12 -2.02
N PHE A 6 -9.50 14.02 -3.33
CA PHE A 6 -9.46 12.73 -4.01
C PHE A 6 -8.15 12.00 -3.71
N PHE A 7 -7.07 12.76 -3.64
CA PHE A 7 -5.75 12.18 -3.36
C PHE A 7 -5.79 11.32 -2.11
N LYS A 8 -6.27 11.90 -1.02
CA LYS A 8 -6.36 11.18 0.25
C LYS A 8 -7.19 9.91 0.10
N LYS A 9 -8.11 9.92 -0.87
CA LYS A 9 -8.98 8.77 -1.12
C LYS A 9 -8.25 7.71 -1.92
N VAL A 10 -7.40 8.15 -2.85
CA VAL A 10 -6.62 7.24 -3.69
C VAL A 10 -5.65 6.43 -2.85
N LYS A 11 -5.20 7.01 -1.74
CA LYS A 11 -4.25 6.34 -0.86
C LYS A 11 -4.82 5.03 -0.33
N LYS A 12 -6.14 4.98 -0.18
CA LYS A 12 -6.82 3.79 0.30
C LYS A 12 -6.95 2.75 -0.80
N SER A 13 -7.43 3.18 -1.97
CA SER A 13 -7.61 2.29 -3.10
C SER A 13 -6.26 1.74 -3.57
N VAL A 14 -5.34 2.65 -3.89
CA VAL A 14 -4.02 2.26 -4.35
C VAL A 14 -3.31 1.38 -3.33
N LYS A 15 -3.59 1.61 -2.06
CA LYS A 15 -2.99 0.83 -0.97
C LYS A 15 -3.14 -0.66 -1.23
N LYS A 16 -4.31 -1.04 -1.74
CA LYS A 16 -4.59 -2.45 -2.03
C LYS A 16 -3.77 -2.93 -3.23
N ARG A 17 -3.54 -2.03 -4.18
CA ARG A 17 -2.76 -2.37 -5.37
C ARG A 17 -1.33 -2.73 -5.00
N LEU A 18 -0.63 -1.81 -4.35
CA LEU A 18 0.75 -2.03 -3.94
C LEU A 18 0.84 -3.20 -2.97
N LYS A 19 -0.25 -3.45 -2.25
CA LYS A 19 -0.29 -4.54 -1.28
C LYS A 19 0.15 -5.86 -1.92
N LYS A 20 -0.12 -5.99 -3.21
CA LYS A 20 0.25 -7.20 -3.95
C LYS A 20 1.73 -7.18 -4.33
N ILE A 21 2.26 -5.99 -4.57
CA ILE A 21 3.66 -5.83 -4.94
C ILE A 21 4.57 -6.02 -3.73
N PHE A 22 4.03 -5.78 -2.55
CA PHE A 22 4.80 -5.93 -1.31
C PHE A 22 4.48 -7.25 -0.63
N LYS A 23 4.14 -8.27 -1.43
CA LYS A 23 3.82 -9.58 -0.91
C LYS A 23 5.03 -10.50 -0.94
N LYS A 24 6.21 -9.90 -0.99
CA LYS A 24 7.46 -10.67 -1.02
C LYS A 24 8.14 -10.67 0.35
N PRO A 25 9.04 -11.64 0.56
CA PRO A 25 9.77 -11.76 1.83
C PRO A 25 10.78 -10.64 2.03
N MET A 26 11.12 -9.95 0.94
CA MET A 26 12.07 -8.85 1.01
C MET A 26 11.64 -7.81 2.03
N VAL A 27 10.33 -7.58 2.13
CA VAL A 27 9.79 -6.62 3.07
C VAL A 27 10.19 -6.97 4.50
N ILE A 28 10.57 -5.94 5.26
CA ILE A 28 10.97 -6.14 6.66
C ILE A 28 9.84 -5.79 7.61
N GLY A 29 9.67 -6.59 8.66
CA GLY A 29 8.64 -6.34 9.63
C GLY A 29 7.45 -7.27 9.47
N VAL A 30 7.73 -8.54 9.19
CA VAL A 30 6.70 -9.54 9.01
C VAL A 30 7.09 -10.87 9.65
N THR A 31 6.27 -11.35 10.58
CA THR A 31 6.53 -12.60 11.25
C THR A 31 5.24 -13.39 11.50
N ILE A 32 5.33 -14.71 11.43
CA ILE A 32 4.17 -15.56 11.65
C ILE A 32 3.59 -15.35 13.04
N PRO A 33 2.26 -15.18 13.11
CA PRO A 33 1.56 -14.98 14.37
C PRO A 33 1.53 -16.24 15.23
N PHE A 34 2.54 -16.38 16.09
CA PHE A 34 2.64 -17.55 16.97
C PHE A 34 2.50 -17.13 18.43
N LYS A 1 -10.15 21.68 -8.57
CA LYS A 1 -9.64 22.37 -7.40
C LYS A 1 -9.87 21.54 -6.13
N ARG A 2 -10.92 20.70 -6.16
CA ARG A 2 -11.24 19.85 -5.02
C ARG A 2 -10.59 18.48 -5.17
N PHE A 3 -9.62 18.38 -6.07
CA PHE A 3 -8.92 17.13 -6.30
C PHE A 3 -8.13 16.71 -5.07
N LYS A 4 -7.76 17.68 -4.25
CA LYS A 4 -7.00 17.40 -3.03
C LYS A 4 -7.67 16.32 -2.20
N LYS A 5 -9.01 16.35 -2.17
CA LYS A 5 -9.78 15.38 -1.42
C LYS A 5 -9.68 13.99 -2.04
N PHE A 6 -9.56 13.96 -3.37
CA PHE A 6 -9.46 12.70 -4.10
C PHE A 6 -8.14 12.00 -3.79
N PHE A 7 -7.06 12.78 -3.71
CA PHE A 7 -5.74 12.23 -3.43
C PHE A 7 -5.77 11.36 -2.18
N LYS A 8 -6.28 11.92 -1.08
CA LYS A 8 -6.37 11.19 0.18
C LYS A 8 -7.18 9.91 0.01
N LYS A 9 -8.08 9.91 -0.96
CA LYS A 9 -8.91 8.74 -1.23
C LYS A 9 -8.15 7.70 -2.03
N VAL A 10 -7.32 8.16 -2.96
CA VAL A 10 -6.53 7.28 -3.80
C VAL A 10 -5.53 6.48 -2.96
N LYS A 11 -5.11 7.07 -1.84
CA LYS A 11 -4.15 6.42 -0.96
C LYS A 11 -4.70 5.09 -0.44
N LYS A 12 -6.02 5.02 -0.30
CA LYS A 12 -6.66 3.80 0.18
C LYS A 12 -6.76 2.76 -0.94
N SER A 13 -7.25 3.19 -2.10
CA SER A 13 -7.40 2.30 -3.24
C SER A 13 -6.03 1.78 -3.71
N VAL A 14 -5.14 2.71 -4.01
CA VAL A 14 -3.79 2.37 -4.46
C VAL A 14 -3.07 1.49 -3.44
N LYS A 15 -3.38 1.71 -2.16
CA LYS A 15 -2.76 0.93 -1.09
C LYS A 15 -2.89 -0.56 -1.35
N LYS A 16 -4.10 -0.99 -1.68
CA LYS A 16 -4.35 -2.40 -1.96
C LYS A 16 -3.58 -2.87 -3.18
N ARG A 17 -3.38 -1.96 -4.13
CA ARG A 17 -2.64 -2.27 -5.35
C ARG A 17 -1.21 -2.68 -5.03
N LEU A 18 -0.47 -1.78 -4.39
CA LEU A 18 0.91 -2.05 -4.03
C LEU A 18 1.00 -3.14 -2.97
N LYS A 19 -0.07 -3.29 -2.18
CA LYS A 19 -0.12 -4.30 -1.13
C LYS A 19 0.25 -5.68 -1.68
N LYS A 20 -0.11 -5.91 -2.94
CA LYS A 20 0.17 -7.19 -3.59
C LYS A 20 1.64 -7.26 -4.02
N ILE A 21 2.20 -6.12 -4.38
CA ILE A 21 3.59 -6.05 -4.81
C ILE A 21 4.54 -6.21 -3.63
N PHE A 22 4.06 -5.86 -2.45
CA PHE A 22 4.86 -5.96 -1.24
C PHE A 22 4.49 -7.21 -0.44
N LYS A 23 3.98 -8.22 -1.13
CA LYS A 23 3.59 -9.47 -0.49
C LYS A 23 4.74 -10.46 -0.48
N LYS A 24 5.64 -10.32 -1.45
CA LYS A 24 6.79 -11.22 -1.56
C LYS A 24 7.64 -11.15 -0.30
N PRO A 25 8.48 -12.18 -0.10
CA PRO A 25 9.37 -12.26 1.06
C PRO A 25 10.49 -11.23 1.01
N MET A 26 10.72 -10.68 -0.18
CA MET A 26 11.77 -9.69 -0.36
C MET A 26 11.61 -8.53 0.64
N VAL A 27 10.54 -7.78 0.50
CA VAL A 27 10.26 -6.65 1.39
C VAL A 27 10.07 -7.13 2.83
N ILE A 28 10.75 -6.48 3.76
CA ILE A 28 10.63 -6.83 5.17
C ILE A 28 10.27 -5.62 6.02
N GLY A 29 9.38 -5.81 6.98
CA GLY A 29 8.95 -4.72 7.84
C GLY A 29 7.81 -3.92 7.25
N VAL A 30 6.76 -4.61 6.84
CA VAL A 30 5.60 -3.95 6.25
C VAL A 30 4.31 -4.39 6.94
N THR A 31 3.67 -3.46 7.64
CA THR A 31 2.43 -3.74 8.34
C THR A 31 1.39 -2.65 8.09
N ILE A 32 0.13 -3.05 8.02
CA ILE A 32 -0.96 -2.12 7.80
C ILE A 32 -1.08 -1.11 8.94
N PRO A 33 -1.16 0.18 8.59
CA PRO A 33 -1.28 1.26 9.57
C PRO A 33 -2.63 1.26 10.28
N PHE A 34 -3.70 1.17 9.50
CA PHE A 34 -5.05 1.16 10.06
C PHE A 34 -5.25 2.34 10.99
N LYS A 1 -8.00 23.51 -6.53
CA LYS A 1 -7.32 22.34 -6.01
C LYS A 1 -8.31 21.41 -5.30
N ARG A 2 -9.39 21.06 -5.99
CA ARG A 2 -10.41 20.18 -5.43
C ARG A 2 -9.96 18.72 -5.51
N PHE A 3 -9.12 18.42 -6.49
CA PHE A 3 -8.63 17.06 -6.67
C PHE A 3 -7.81 16.61 -5.47
N LYS A 4 -7.24 17.57 -4.75
CA LYS A 4 -6.44 17.28 -3.57
C LYS A 4 -7.20 16.37 -2.61
N LYS A 5 -8.50 16.59 -2.48
CA LYS A 5 -9.34 15.79 -1.60
C LYS A 5 -9.46 14.36 -2.12
N PHE A 6 -9.43 14.21 -3.44
CA PHE A 6 -9.54 12.90 -4.06
C PHE A 6 -8.29 12.07 -3.79
N PHE A 7 -7.13 12.71 -3.83
CA PHE A 7 -5.87 12.03 -3.60
C PHE A 7 -5.91 11.24 -2.30
N LYS A 8 -6.32 11.91 -1.21
CA LYS A 8 -6.40 11.28 0.09
C LYS A 8 -7.38 10.11 0.06
N LYS A 9 -8.35 10.17 -0.84
CA LYS A 9 -9.35 9.12 -0.97
C LYS A 9 -8.80 7.94 -1.77
N VAL A 10 -7.86 8.23 -2.68
CA VAL A 10 -7.25 7.20 -3.51
C VAL A 10 -6.30 6.34 -2.69
N LYS A 11 -5.67 6.94 -1.69
CA LYS A 11 -4.73 6.22 -0.84
C LYS A 11 -5.35 4.95 -0.29
N LYS A 12 -6.67 4.97 -0.09
CA LYS A 12 -7.39 3.83 0.43
C LYS A 12 -7.44 2.71 -0.61
N SER A 13 -7.85 3.05 -1.83
CA SER A 13 -7.94 2.07 -2.90
C SER A 13 -6.55 1.61 -3.33
N VAL A 14 -5.70 2.56 -3.69
CA VAL A 14 -4.35 2.24 -4.12
C VAL A 14 -3.62 1.39 -3.08
N LYS A 15 -3.95 1.61 -1.81
CA LYS A 15 -3.34 0.86 -0.72
C LYS A 15 -3.41 -0.64 -0.98
N LYS A 16 -4.54 -1.09 -1.52
CA LYS A 16 -4.73 -2.50 -1.82
C LYS A 16 -3.80 -2.96 -2.93
N ARG A 17 -3.52 -2.06 -3.87
CA ARG A 17 -2.64 -2.38 -4.98
C ARG A 17 -1.23 -2.68 -4.49
N LEU A 18 -0.76 -1.91 -3.52
CA LEU A 18 0.57 -2.10 -2.96
C LEU A 18 0.72 -3.50 -2.37
N LYS A 19 -0.40 -4.08 -1.96
CA LYS A 19 -0.41 -5.42 -1.38
C LYS A 19 0.32 -6.41 -2.30
N LYS A 20 0.26 -6.15 -3.59
CA LYS A 20 0.91 -7.02 -4.58
C LYS A 20 2.41 -6.75 -4.64
N ILE A 21 2.78 -5.48 -4.44
CA ILE A 21 4.18 -5.08 -4.48
C ILE A 21 4.93 -5.58 -3.24
N PHE A 22 4.20 -5.72 -2.14
CA PHE A 22 4.78 -6.18 -0.89
C PHE A 22 4.57 -7.68 -0.72
N LYS A 23 4.50 -8.40 -1.83
CA LYS A 23 4.30 -9.85 -1.80
C LYS A 23 5.60 -10.57 -1.51
N LYS A 24 6.69 -10.04 -2.05
CA LYS A 24 8.01 -10.64 -1.84
C LYS A 24 8.31 -10.80 -0.36
N PRO A 25 9.29 -11.67 -0.04
CA PRO A 25 9.69 -11.92 1.35
C PRO A 25 10.42 -10.74 1.96
N MET A 26 10.98 -9.89 1.11
CA MET A 26 11.71 -8.71 1.57
C MET A 26 10.75 -7.61 2.00
N VAL A 27 9.97 -7.87 3.04
CA VAL A 27 9.01 -6.90 3.55
C VAL A 27 9.72 -5.67 4.12
N ILE A 28 9.11 -4.50 3.94
CA ILE A 28 9.68 -3.26 4.43
C ILE A 28 8.80 -2.65 5.51
N GLY A 29 9.44 -2.04 6.52
CA GLY A 29 8.70 -1.43 7.59
C GLY A 29 8.64 -2.30 8.84
N VAL A 30 9.70 -3.07 9.07
CA VAL A 30 9.77 -3.95 10.22
C VAL A 30 11.18 -4.00 10.80
N THR A 31 11.31 -3.58 12.05
CA THR A 31 12.60 -3.57 12.72
C THR A 31 12.85 -4.88 13.47
N ILE A 32 14.10 -5.35 13.46
CA ILE A 32 14.46 -6.58 14.14
C ILE A 32 14.09 -6.53 15.62
N PRO A 33 13.42 -7.57 16.11
CA PRO A 33 13.00 -7.67 17.50
C PRO A 33 14.18 -7.86 18.46
N PHE A 34 14.66 -6.75 19.02
CA PHE A 34 15.80 -6.80 19.95
C PHE A 34 15.60 -5.81 21.09
N LYS A 1 -7.74 22.25 -5.17
CA LYS A 1 -8.86 22.72 -4.37
C LYS A 1 -9.92 21.63 -4.23
N ARG A 2 -10.29 21.02 -5.35
CA ARG A 2 -11.29 19.96 -5.35
C ARG A 2 -10.63 18.59 -5.45
N PHE A 3 -9.62 18.49 -6.31
CA PHE A 3 -8.90 17.23 -6.50
C PHE A 3 -8.21 16.79 -5.21
N LYS A 4 -7.90 17.76 -4.35
CA LYS A 4 -7.24 17.48 -3.09
C LYS A 4 -7.98 16.39 -2.33
N LYS A 5 -9.29 16.42 -2.38
CA LYS A 5 -10.12 15.42 -1.69
C LYS A 5 -9.95 14.04 -2.32
N PHE A 6 -9.71 14.03 -3.62
CA PHE A 6 -9.53 12.77 -4.34
C PHE A 6 -8.22 12.10 -3.95
N PHE A 7 -7.18 12.92 -3.77
CA PHE A 7 -5.87 12.41 -3.40
C PHE A 7 -5.97 11.49 -2.18
N LYS A 8 -6.56 12.00 -1.10
CA LYS A 8 -6.72 11.22 0.12
C LYS A 8 -7.47 9.92 -0.15
N LYS A 9 -8.29 9.93 -1.19
CA LYS A 9 -9.07 8.75 -1.56
C LYS A 9 -8.21 7.75 -2.33
N VAL A 10 -7.30 8.27 -3.15
CA VAL A 10 -6.41 7.42 -3.94
C VAL A 10 -5.45 6.65 -3.05
N LYS A 11 -5.08 7.26 -1.93
CA LYS A 11 -4.16 6.62 -0.99
C LYS A 11 -4.78 5.37 -0.38
N LYS A 12 -6.10 5.38 -0.24
CA LYS A 12 -6.82 4.24 0.32
C LYS A 12 -6.88 3.08 -0.69
N SER A 13 -7.32 3.39 -1.90
CA SER A 13 -7.42 2.38 -2.95
C SER A 13 -6.04 1.88 -3.37
N VAL A 14 -5.17 2.82 -3.75
CA VAL A 14 -3.82 2.48 -4.17
C VAL A 14 -3.10 1.65 -3.11
N LYS A 15 -3.41 1.93 -1.85
CA LYS A 15 -2.80 1.21 -0.73
C LYS A 15 -2.91 -0.30 -0.93
N LYS A 16 -4.08 -0.75 -1.35
CA LYS A 16 -4.32 -2.17 -1.58
C LYS A 16 -3.50 -2.67 -2.78
N ARG A 17 -3.23 -1.78 -3.71
CA ARG A 17 -2.46 -2.13 -4.90
C ARG A 17 -1.06 -2.59 -4.52
N LEU A 18 -0.39 -1.81 -3.67
CA LEU A 18 0.96 -2.14 -3.23
C LEU A 18 0.98 -3.47 -2.50
N LYS A 19 -0.16 -3.84 -1.91
CA LYS A 19 -0.27 -5.10 -1.17
C LYS A 19 0.21 -6.27 -2.02
N LYS A 20 0.04 -6.14 -3.34
CA LYS A 20 0.46 -7.20 -4.27
C LYS A 20 1.97 -7.15 -4.50
N ILE A 21 2.52 -5.94 -4.50
CA ILE A 21 3.95 -5.76 -4.70
C ILE A 21 4.75 -6.22 -3.48
N PHE A 22 4.11 -6.18 -2.32
CA PHE A 22 4.76 -6.59 -1.09
C PHE A 22 4.34 -8.01 -0.70
N LYS A 23 4.14 -8.86 -1.70
CA LYS A 23 3.74 -10.24 -1.47
C LYS A 23 4.95 -11.13 -1.23
N LYS A 24 6.07 -10.78 -1.85
CA LYS A 24 7.30 -11.54 -1.71
C LYS A 24 7.84 -11.44 -0.29
N PRO A 25 8.71 -12.40 0.08
CA PRO A 25 9.32 -12.45 1.41
C PRO A 25 10.31 -11.32 1.65
N MET A 26 9.93 -10.36 2.49
CA MET A 26 10.79 -9.23 2.80
C MET A 26 11.97 -9.65 3.66
N VAL A 27 11.70 -9.91 4.93
CA VAL A 27 12.74 -10.34 5.86
C VAL A 27 12.15 -10.68 7.23
N ILE A 28 12.62 -11.77 7.81
CA ILE A 28 12.14 -12.21 9.11
C ILE A 28 13.26 -12.19 10.15
N GLY A 29 12.95 -11.73 11.35
CA GLY A 29 13.94 -11.67 12.41
C GLY A 29 14.55 -10.28 12.55
N VAL A 30 13.70 -9.27 12.65
CA VAL A 30 14.16 -7.89 12.79
C VAL A 30 13.18 -7.07 13.61
N THR A 31 13.69 -6.42 14.67
CA THR A 31 12.85 -5.60 15.54
C THR A 31 13.65 -4.45 16.13
N ILE A 32 13.00 -3.31 16.29
CA ILE A 32 13.65 -2.13 16.86
C ILE A 32 14.31 -2.44 18.19
N PRO A 33 15.58 -2.03 18.33
CA PRO A 33 16.34 -2.26 19.56
C PRO A 33 15.84 -1.42 20.73
N PHE A 34 15.45 -0.19 20.43
CA PHE A 34 14.94 0.72 21.47
C PHE A 34 13.83 0.05 22.28
N LYS A 1 -7.36 22.16 -5.67
CA LYS A 1 -8.07 22.54 -4.46
C LYS A 1 -9.08 21.47 -4.05
N ARG A 2 -9.90 21.05 -5.01
CA ARG A 2 -10.90 20.02 -4.75
C ARG A 2 -10.32 18.62 -4.95
N PHE A 3 -9.42 18.51 -5.93
CA PHE A 3 -8.80 17.22 -6.22
C PHE A 3 -7.96 16.73 -5.03
N LYS A 4 -7.51 17.67 -4.21
CA LYS A 4 -6.71 17.34 -3.03
C LYS A 4 -7.40 16.27 -2.19
N LYS A 5 -8.72 16.36 -2.10
CA LYS A 5 -9.50 15.39 -1.33
C LYS A 5 -9.48 14.02 -1.99
N PHE A 6 -9.42 14.01 -3.32
CA PHE A 6 -9.39 12.76 -4.08
C PHE A 6 -8.08 12.01 -3.84
N PHE A 7 -6.99 12.76 -3.80
CA PHE A 7 -5.67 12.17 -3.58
C PHE A 7 -5.67 11.26 -2.36
N LYS A 8 -6.16 11.78 -1.24
CA LYS A 8 -6.22 11.02 0.00
C LYS A 8 -7.07 9.77 -0.17
N LYS A 9 -8.02 9.83 -1.11
CA LYS A 9 -8.91 8.69 -1.37
C LYS A 9 -8.20 7.64 -2.22
N VAL A 10 -7.36 8.10 -3.15
CA VAL A 10 -6.62 7.20 -4.02
C VAL A 10 -5.61 6.38 -3.24
N LYS A 11 -5.09 6.95 -2.15
CA LYS A 11 -4.12 6.27 -1.32
C LYS A 11 -4.73 5.04 -0.66
N LYS A 12 -6.03 5.10 -0.39
CA LYS A 12 -6.73 3.99 0.24
C LYS A 12 -6.96 2.86 -0.76
N SER A 13 -7.52 3.21 -1.92
CA SER A 13 -7.80 2.23 -2.97
C SER A 13 -6.50 1.66 -3.53
N VAL A 14 -5.62 2.54 -3.99
CA VAL A 14 -4.34 2.12 -4.56
C VAL A 14 -3.56 1.26 -3.57
N LYS A 15 -3.73 1.53 -2.29
CA LYS A 15 -3.04 0.78 -1.24
C LYS A 15 -3.25 -0.72 -1.42
N LYS A 16 -4.49 -1.10 -1.75
CA LYS A 16 -4.82 -2.51 -1.95
C LYS A 16 -4.04 -3.09 -3.12
N ARG A 17 -3.79 -2.26 -4.14
CA ARG A 17 -3.05 -2.69 -5.31
C ARG A 17 -1.60 -3.01 -4.96
N LEU A 18 -0.91 -2.02 -4.41
CA LEU A 18 0.50 -2.20 -4.02
C LEU A 18 0.64 -3.31 -2.98
N LYS A 19 -0.43 -3.54 -2.23
CA LYS A 19 -0.43 -4.58 -1.20
C LYS A 19 0.02 -5.92 -1.78
N LYS A 20 -0.25 -6.13 -3.07
CA LYS A 20 0.13 -7.36 -3.74
C LYS A 20 1.59 -7.30 -4.19
N ILE A 21 2.05 -6.12 -4.53
CA ILE A 21 3.43 -5.93 -4.98
C ILE A 21 4.40 -6.00 -3.80
N PHE A 22 3.91 -5.70 -2.60
CA PHE A 22 4.73 -5.73 -1.41
C PHE A 22 4.54 -7.05 -0.65
N LYS A 23 4.41 -8.14 -1.40
CA LYS A 23 4.22 -9.45 -0.81
C LYS A 23 5.56 -10.18 -0.69
N LYS A 24 6.64 -9.44 -0.70
CA LYS A 24 7.98 -10.02 -0.60
C LYS A 24 8.54 -9.83 0.81
N PRO A 25 9.55 -10.64 1.16
CA PRO A 25 10.20 -10.59 2.47
C PRO A 25 11.03 -9.32 2.66
N MET A 26 11.33 -8.65 1.55
CA MET A 26 12.12 -7.42 1.59
C MET A 26 11.50 -6.42 2.55
N VAL A 27 10.19 -6.21 2.42
CA VAL A 27 9.48 -5.26 3.27
C VAL A 27 9.69 -5.60 4.75
N ILE A 28 9.91 -4.56 5.56
CA ILE A 28 10.12 -4.74 6.98
C ILE A 28 9.04 -4.03 7.80
N GLY A 29 8.63 -4.65 8.90
CA GLY A 29 7.61 -4.06 9.74
C GLY A 29 6.28 -4.80 9.65
N VAL A 30 6.34 -6.13 9.73
CA VAL A 30 5.13 -6.94 9.64
C VAL A 30 5.29 -8.22 10.46
N THR A 31 4.33 -8.46 11.36
CA THR A 31 4.36 -9.65 12.20
C THR A 31 3.31 -10.66 11.76
N ILE A 32 3.66 -11.94 11.85
CA ILE A 32 2.75 -13.01 11.45
C ILE A 32 1.48 -12.99 12.30
N PRO A 33 0.32 -13.06 11.64
CA PRO A 33 -0.98 -13.05 12.31
C PRO A 33 -1.23 -14.35 13.08
N PHE A 34 -0.81 -15.47 12.51
CA PHE A 34 -0.99 -16.77 13.14
C PHE A 34 -0.48 -16.76 14.58
N LYS A 1 -8.16 22.25 -6.32
CA LYS A 1 -8.57 22.54 -4.96
C LYS A 1 -9.52 21.47 -4.43
N ARG A 2 -10.32 20.90 -5.33
CA ARG A 2 -11.28 19.86 -4.95
C ARG A 2 -10.67 18.48 -5.12
N PHE A 3 -9.72 18.36 -6.05
CA PHE A 3 -9.05 17.09 -6.30
C PHE A 3 -8.15 16.70 -5.13
N LYS A 4 -7.70 17.70 -4.38
CA LYS A 4 -6.83 17.46 -3.25
C LYS A 4 -7.43 16.42 -2.31
N LYS A 5 -8.75 16.47 -2.15
CA LYS A 5 -9.44 15.52 -1.29
C LYS A 5 -9.44 14.12 -1.89
N PHE A 6 -9.46 14.06 -3.22
CA PHE A 6 -9.46 12.78 -3.93
C PHE A 6 -8.13 12.05 -3.73
N PHE A 7 -7.03 12.82 -3.78
CA PHE A 7 -5.71 12.25 -3.61
C PHE A 7 -5.63 11.38 -2.35
N LYS A 8 -6.08 11.95 -1.24
CA LYS A 8 -6.07 11.24 0.04
C LYS A 8 -6.93 9.98 -0.03
N LYS A 9 -7.93 9.99 -0.91
CA LYS A 9 -8.81 8.85 -1.08
C LYS A 9 -8.15 7.76 -1.93
N VAL A 10 -7.39 8.19 -2.93
CA VAL A 10 -6.70 7.27 -3.81
C VAL A 10 -5.67 6.44 -3.05
N LYS A 11 -5.14 7.01 -1.98
CA LYS A 11 -4.15 6.34 -1.16
C LYS A 11 -4.70 5.03 -0.60
N LYS A 12 -6.01 5.01 -0.35
CA LYS A 12 -6.66 3.81 0.18
C LYS A 12 -6.88 2.77 -0.91
N SER A 13 -7.45 3.22 -2.04
CA SER A 13 -7.71 2.32 -3.16
C SER A 13 -6.41 1.76 -3.73
N VAL A 14 -5.49 2.66 -4.10
CA VAL A 14 -4.21 2.25 -4.65
C VAL A 14 -3.45 1.35 -3.68
N LYS A 15 -3.64 1.59 -2.39
CA LYS A 15 -2.98 0.81 -1.34
C LYS A 15 -3.18 -0.69 -1.58
N LYS A 16 -4.39 -1.06 -1.99
CA LYS A 16 -4.72 -2.45 -2.25
C LYS A 16 -3.84 -3.02 -3.36
N ARG A 17 -3.52 -2.19 -4.34
CA ARG A 17 -2.68 -2.60 -5.46
C ARG A 17 -1.27 -2.93 -4.98
N LEU A 18 -0.67 -2.00 -4.25
CA LEU A 18 0.68 -2.20 -3.74
C LEU A 18 0.73 -3.35 -2.75
N LYS A 19 -0.40 -3.64 -2.12
CA LYS A 19 -0.50 -4.73 -1.15
C LYS A 19 0.04 -6.02 -1.74
N LYS A 20 -0.10 -6.17 -3.05
CA LYS A 20 0.37 -7.37 -3.75
C LYS A 20 1.86 -7.28 -4.03
N ILE A 21 2.35 -6.07 -4.27
CA ILE A 21 3.76 -5.85 -4.55
C ILE A 21 4.59 -5.96 -3.28
N PHE A 22 3.97 -5.70 -2.14
CA PHE A 22 4.65 -5.76 -0.85
C PHE A 22 4.43 -7.12 -0.18
N LYS A 23 4.17 -8.14 -1.00
CA LYS A 23 3.94 -9.48 -0.49
C LYS A 23 5.22 -10.31 -0.53
N LYS A 24 6.10 -10.00 -1.48
CA LYS A 24 7.37 -10.71 -1.62
C LYS A 24 8.30 -10.38 -0.47
N PRO A 25 9.32 -11.24 -0.26
CA PRO A 25 10.29 -11.05 0.81
C PRO A 25 11.23 -9.88 0.54
N MET A 26 11.29 -9.46 -0.71
CA MET A 26 12.14 -8.33 -1.10
C MET A 26 11.87 -7.11 -0.23
N VAL A 27 10.66 -6.57 -0.34
CA VAL A 27 10.27 -5.40 0.43
C VAL A 27 10.49 -5.63 1.92
N ILE A 28 10.76 -4.55 2.64
CA ILE A 28 11.00 -4.63 4.08
C ILE A 28 10.10 -3.66 4.84
N GLY A 29 9.63 -4.10 6.00
CA GLY A 29 8.76 -3.26 6.82
C GLY A 29 7.34 -3.79 6.89
N VAL A 30 7.21 -5.11 6.81
CA VAL A 30 5.89 -5.75 6.86
C VAL A 30 5.97 -7.10 7.55
N THR A 31 5.41 -7.18 8.76
CA THR A 31 5.43 -8.42 9.52
C THR A 31 4.03 -8.76 10.04
N ILE A 32 3.72 -10.06 10.10
CA ILE A 32 2.42 -10.51 10.57
C ILE A 32 2.24 -10.22 12.06
N PRO A 33 1.09 -9.64 12.42
CA PRO A 33 0.77 -9.30 13.80
C PRO A 33 0.53 -10.54 14.66
N PHE A 34 -0.10 -11.55 14.07
CA PHE A 34 -0.38 -12.78 14.79
C PHE A 34 0.87 -13.33 15.47
N LYS A 1 -8.10 22.44 -5.88
CA LYS A 1 -8.74 22.75 -4.61
C LYS A 1 -9.71 21.65 -4.21
N ARG A 2 -10.29 20.97 -5.21
CA ARG A 2 -11.23 19.89 -4.96
C ARG A 2 -10.57 18.53 -5.13
N PHE A 3 -9.61 18.46 -6.04
CA PHE A 3 -8.89 17.22 -6.30
C PHE A 3 -8.08 16.78 -5.08
N LYS A 4 -7.73 17.75 -4.24
CA LYS A 4 -6.96 17.48 -3.04
C LYS A 4 -7.62 16.37 -2.21
N LYS A 5 -8.94 16.37 -2.18
CA LYS A 5 -9.70 15.38 -1.44
C LYS A 5 -9.60 14.00 -2.10
N PHE A 6 -9.48 14.00 -3.42
CA PHE A 6 -9.38 12.76 -4.18
C PHE A 6 -8.05 12.06 -3.89
N PHE A 7 -6.98 12.85 -3.80
CA PHE A 7 -5.66 12.31 -3.54
C PHE A 7 -5.67 11.40 -2.30
N LYS A 8 -6.31 11.88 -1.23
CA LYS A 8 -6.41 11.12 0.01
C LYS A 8 -7.21 9.85 -0.20
N LYS A 9 -8.11 9.86 -1.18
CA LYS A 9 -8.94 8.71 -1.48
C LYS A 9 -8.16 7.68 -2.31
N VAL A 10 -7.28 8.16 -3.17
CA VAL A 10 -6.47 7.30 -4.01
C VAL A 10 -5.50 6.47 -3.18
N LYS A 11 -5.03 7.06 -2.08
CA LYS A 11 -4.09 6.38 -1.20
C LYS A 11 -4.73 5.15 -0.57
N LYS A 12 -6.05 5.21 -0.35
CA LYS A 12 -6.78 4.10 0.24
C LYS A 12 -6.95 2.96 -0.75
N SER A 13 -7.44 3.29 -1.93
CA SER A 13 -7.66 2.29 -2.98
C SER A 13 -6.32 1.74 -3.48
N VAL A 14 -5.44 2.64 -3.91
CA VAL A 14 -4.12 2.24 -4.41
C VAL A 14 -3.39 1.38 -3.39
N LYS A 15 -3.61 1.65 -2.12
CA LYS A 15 -2.98 0.91 -1.05
C LYS A 15 -3.16 -0.59 -1.24
N LYS A 16 -4.36 -0.99 -1.67
CA LYS A 16 -4.67 -2.39 -1.89
C LYS A 16 -3.84 -2.94 -3.05
N ARG A 17 -3.57 -2.10 -4.03
CA ARG A 17 -2.79 -2.50 -5.19
C ARG A 17 -1.35 -2.84 -4.80
N LEU A 18 -0.68 -1.88 -4.16
CA LEU A 18 0.70 -2.07 -3.73
C LEU A 18 0.81 -3.26 -2.78
N LYS A 19 -0.28 -3.57 -2.09
CA LYS A 19 -0.30 -4.68 -1.15
C LYS A 19 0.20 -5.96 -1.81
N LYS A 20 -0.11 -6.11 -3.09
CA LYS A 20 0.32 -7.29 -3.84
C LYS A 20 1.80 -7.20 -4.20
N ILE A 21 2.28 -5.99 -4.40
CA ILE A 21 3.69 -5.78 -4.74
C ILE A 21 4.59 -5.98 -3.53
N PHE A 22 4.03 -5.78 -2.33
CA PHE A 22 4.77 -5.96 -1.10
C PHE A 22 4.47 -7.30 -0.45
N LYS A 23 4.29 -8.32 -1.28
CA LYS A 23 3.99 -9.66 -0.80
C LYS A 23 5.27 -10.48 -0.64
N LYS A 24 6.21 -10.26 -1.55
CA LYS A 24 7.49 -10.99 -1.50
C LYS A 24 8.12 -10.89 -0.12
N PRO A 25 8.97 -11.88 0.21
CA PRO A 25 9.67 -11.93 1.50
C PRO A 25 10.73 -10.84 1.62
N MET A 26 10.35 -9.72 2.24
CA MET A 26 11.28 -8.60 2.42
C MET A 26 11.49 -8.32 3.90
N VAL A 27 10.49 -7.70 4.53
CA VAL A 27 10.57 -7.38 5.95
C VAL A 27 10.69 -8.64 6.80
N ILE A 28 11.44 -8.54 7.89
CA ILE A 28 11.63 -9.66 8.80
C ILE A 28 11.27 -9.30 10.23
N GLY A 29 10.49 -10.16 10.88
CA GLY A 29 10.08 -9.90 12.25
C GLY A 29 8.68 -9.35 12.34
N VAL A 30 7.85 -9.66 11.34
CA VAL A 30 6.47 -9.18 11.32
C VAL A 30 5.56 -10.18 10.62
N THR A 31 4.53 -10.63 11.34
CA THR A 31 3.58 -11.59 10.79
C THR A 31 2.20 -10.96 10.61
N ILE A 32 1.51 -11.37 9.55
CA ILE A 32 0.18 -10.85 9.26
C ILE A 32 -0.82 -11.27 10.33
N PRO A 33 -1.60 -10.30 10.83
CA PRO A 33 -2.62 -10.54 11.86
C PRO A 33 -3.80 -11.35 11.32
N PHE A 34 -4.33 -10.93 10.18
CA PHE A 34 -5.46 -11.61 9.57
C PHE A 34 -6.60 -11.78 10.57
N LYS A 1 -7.30 22.02 -6.19
CA LYS A 1 -8.01 22.39 -4.98
C LYS A 1 -9.03 21.33 -4.59
N ARG A 2 -9.88 20.97 -5.55
CA ARG A 2 -10.90 19.96 -5.31
C ARG A 2 -10.32 18.55 -5.43
N PHE A 3 -9.31 18.40 -6.27
CA PHE A 3 -8.68 17.11 -6.48
C PHE A 3 -7.90 16.68 -5.24
N LYS A 4 -7.49 17.65 -4.43
CA LYS A 4 -6.75 17.38 -3.21
C LYS A 4 -7.47 16.35 -2.35
N LYS A 5 -8.80 16.44 -2.33
CA LYS A 5 -9.61 15.51 -1.54
C LYS A 5 -9.58 14.12 -2.14
N PHE A 6 -9.45 14.05 -3.46
CA PHE A 6 -9.40 12.77 -4.17
C PHE A 6 -8.11 12.01 -3.84
N PHE A 7 -7.01 12.76 -3.77
CA PHE A 7 -5.71 12.16 -3.47
C PHE A 7 -5.78 11.32 -2.20
N LYS A 8 -6.24 11.93 -1.11
CA LYS A 8 -6.36 11.23 0.16
C LYS A 8 -7.22 9.98 0.02
N LYS A 9 -8.12 10.00 -0.95
CA LYS A 9 -9.00 8.87 -1.20
C LYS A 9 -8.29 7.76 -1.96
N VAL A 10 -7.44 8.17 -2.91
CA VAL A 10 -6.69 7.23 -3.72
C VAL A 10 -5.71 6.42 -2.87
N LYS A 11 -5.27 7.02 -1.77
CA LYS A 11 -4.33 6.36 -0.86
C LYS A 11 -4.94 5.08 -0.31
N LYS A 12 -6.25 5.06 -0.16
CA LYS A 12 -6.95 3.88 0.35
C LYS A 12 -7.09 2.81 -0.73
N SER A 13 -7.57 3.23 -1.90
CA SER A 13 -7.76 2.30 -3.01
C SER A 13 -6.42 1.73 -3.47
N VAL A 14 -5.48 2.61 -3.80
CA VAL A 14 -4.15 2.20 -4.25
C VAL A 14 -3.47 1.32 -3.20
N LYS A 15 -3.76 1.59 -1.93
CA LYS A 15 -3.16 0.83 -0.84
C LYS A 15 -3.35 -0.67 -1.05
N LYS A 16 -4.50 -1.04 -1.61
CA LYS A 16 -4.81 -2.44 -1.87
C LYS A 16 -3.97 -2.98 -3.02
N ARG A 17 -3.69 -2.11 -4.00
CA ARG A 17 -2.89 -2.50 -5.16
C ARG A 17 -1.46 -2.82 -4.75
N LEU A 18 -0.83 -1.90 -4.02
CA LEU A 18 0.53 -2.09 -3.57
C LEU A 18 0.67 -3.38 -2.76
N LYS A 19 -0.43 -3.80 -2.16
CA LYS A 19 -0.43 -5.03 -1.36
C LYS A 19 0.14 -6.19 -2.15
N LYS A 20 -0.04 -6.16 -3.47
CA LYS A 20 0.46 -7.22 -4.34
C LYS A 20 1.96 -7.05 -4.60
N ILE A 21 2.40 -5.80 -4.65
CA ILE A 21 3.81 -5.50 -4.88
C ILE A 21 4.66 -5.81 -3.66
N PHE A 22 4.02 -5.78 -2.48
CA PHE A 22 4.72 -6.07 -1.24
C PHE A 22 4.45 -7.50 -0.78
N LYS A 23 4.42 -8.42 -1.73
CA LYS A 23 4.18 -9.83 -1.42
C LYS A 23 5.44 -10.50 -0.90
N LYS A 24 6.60 -9.98 -1.29
CA LYS A 24 7.87 -10.52 -0.86
C LYS A 24 8.31 -9.91 0.47
N PRO A 25 9.23 -10.60 1.17
CA PRO A 25 9.74 -10.15 2.47
C PRO A 25 10.62 -8.90 2.34
N MET A 26 9.98 -7.73 2.31
CA MET A 26 10.70 -6.47 2.20
C MET A 26 11.28 -6.06 3.54
N VAL A 27 10.42 -5.93 4.54
CA VAL A 27 10.84 -5.54 5.88
C VAL A 27 11.72 -6.61 6.52
N ILE A 28 12.77 -6.17 7.20
CA ILE A 28 13.69 -7.10 7.86
C ILE A 28 13.77 -6.83 9.35
N GLY A 29 13.92 -7.90 10.14
CA GLY A 29 14.01 -7.75 11.58
C GLY A 29 12.80 -8.33 12.29
N VAL A 30 12.10 -9.24 11.62
CA VAL A 30 10.92 -9.87 12.20
C VAL A 30 10.87 -11.35 11.86
N THR A 31 10.90 -12.20 12.89
CA THR A 31 10.86 -13.64 12.70
C THR A 31 9.60 -14.06 11.95
N ILE A 32 9.75 -15.06 11.08
CA ILE A 32 8.62 -15.55 10.29
C ILE A 32 7.53 -16.13 11.20
N PRO A 33 6.28 -15.74 10.95
CA PRO A 33 5.13 -16.20 11.72
C PRO A 33 4.81 -17.68 11.47
N PHE A 34 4.99 -18.10 10.22
CA PHE A 34 4.73 -19.49 9.85
C PHE A 34 5.45 -20.45 10.79
N LYS A 1 -9.35 24.06 -4.17
CA LYS A 1 -8.69 22.75 -4.13
C LYS A 1 -9.67 21.67 -3.70
N ARG A 2 -10.27 20.99 -4.68
CA ARG A 2 -11.22 19.93 -4.39
C ARG A 2 -10.60 18.56 -4.64
N PHE A 3 -9.81 18.46 -5.71
CA PHE A 3 -9.16 17.20 -6.06
C PHE A 3 -8.22 16.75 -4.95
N LYS A 4 -7.73 17.70 -4.16
CA LYS A 4 -6.82 17.40 -3.07
C LYS A 4 -7.39 16.30 -2.17
N LYS A 5 -8.71 16.33 -1.98
CA LYS A 5 -9.38 15.34 -1.15
C LYS A 5 -9.41 13.98 -1.84
N PHE A 6 -9.49 13.99 -3.17
CA PHE A 6 -9.53 12.76 -3.95
C PHE A 6 -8.20 12.01 -3.83
N PHE A 7 -7.10 12.74 -3.89
CA PHE A 7 -5.78 12.14 -3.80
C PHE A 7 -5.68 11.25 -2.57
N LYS A 8 -6.01 11.80 -1.41
CA LYS A 8 -5.95 11.05 -0.16
C LYS A 8 -6.83 9.81 -0.24
N LYS A 9 -7.84 9.85 -1.07
CA LYS A 9 -8.75 8.72 -1.25
C LYS A 9 -8.13 7.66 -2.16
N VAL A 10 -7.40 8.12 -3.18
CA VAL A 10 -6.76 7.21 -4.13
C VAL A 10 -5.66 6.40 -3.45
N LYS A 11 -5.02 7.00 -2.45
CA LYS A 11 -3.96 6.33 -1.71
C LYS A 11 -4.50 5.11 -0.97
N LYS A 12 -5.75 5.19 -0.54
CA LYS A 12 -6.38 4.10 0.19
C LYS A 12 -6.71 2.94 -0.75
N SER A 13 -7.38 3.25 -1.85
CA SER A 13 -7.76 2.23 -2.82
C SER A 13 -6.53 1.67 -3.51
N VAL A 14 -5.72 2.55 -4.11
CA VAL A 14 -4.51 2.13 -4.80
C VAL A 14 -3.63 1.29 -3.90
N LYS A 15 -3.64 1.60 -2.60
CA LYS A 15 -2.84 0.86 -1.64
C LYS A 15 -3.05 -0.64 -1.77
N LYS A 16 -4.28 -1.03 -2.07
CA LYS A 16 -4.62 -2.45 -2.23
C LYS A 16 -3.78 -3.09 -3.33
N ARG A 17 -3.62 -2.35 -4.43
CA ARG A 17 -2.84 -2.85 -5.56
C ARG A 17 -1.40 -3.11 -5.15
N LEU A 18 -0.75 -2.08 -4.62
CA LEU A 18 0.64 -2.21 -4.18
C LEU A 18 0.78 -3.22 -3.05
N LYS A 19 -0.30 -3.40 -2.30
CA LYS A 19 -0.31 -4.34 -1.19
C LYS A 19 0.17 -5.72 -1.63
N LYS A 20 -0.10 -6.05 -2.89
CA LYS A 20 0.30 -7.33 -3.45
C LYS A 20 1.79 -7.33 -3.83
N ILE A 21 2.28 -6.16 -4.24
CA ILE A 21 3.67 -6.01 -4.62
C ILE A 21 4.59 -6.00 -3.40
N PHE A 22 4.04 -5.61 -2.26
CA PHE A 22 4.81 -5.57 -1.02
C PHE A 22 4.52 -6.80 -0.16
N LYS A 23 4.17 -7.90 -0.81
CA LYS A 23 3.88 -9.14 -0.09
C LYS A 23 5.11 -10.04 -0.03
N LYS A 24 5.91 -10.02 -1.09
CA LYS A 24 7.11 -10.83 -1.15
C LYS A 24 7.98 -10.61 0.08
N PRO A 25 8.81 -11.61 0.41
CA PRO A 25 9.70 -11.55 1.58
C PRO A 25 10.84 -10.55 1.38
N MET A 26 10.86 -9.52 2.22
CA MET A 26 11.90 -8.49 2.13
C MET A 26 13.17 -8.95 2.84
N VAL A 27 13.14 -8.96 4.17
CA VAL A 27 14.29 -9.37 4.95
C VAL A 27 14.53 -10.87 4.83
N ILE A 28 15.80 -11.25 4.72
CA ILE A 28 16.17 -12.66 4.59
C ILE A 28 17.13 -13.07 5.70
N GLY A 29 16.91 -14.27 6.24
CA GLY A 29 17.76 -14.77 7.30
C GLY A 29 17.31 -14.30 8.68
N VAL A 30 16.03 -14.49 8.98
CA VAL A 30 15.48 -14.08 10.26
C VAL A 30 14.64 -15.19 10.88
N THR A 31 15.09 -15.71 12.03
CA THR A 31 14.38 -16.77 12.72
C THR A 31 14.28 -16.49 14.21
N ILE A 32 13.17 -16.89 14.82
CA ILE A 32 12.95 -16.69 16.25
C ILE A 32 14.07 -17.32 17.07
N PRO A 33 14.62 -16.55 18.01
CA PRO A 33 15.70 -17.02 18.89
C PRO A 33 15.23 -18.07 19.89
N PHE A 34 15.42 -19.34 19.54
CA PHE A 34 15.00 -20.44 20.39
C PHE A 34 16.16 -21.41 20.62
N LYS A 1 -10.38 22.78 -8.28
CA LYS A 1 -9.15 22.33 -7.63
C LYS A 1 -9.45 21.53 -6.37
N ARG A 2 -10.54 20.76 -6.42
CA ARG A 2 -10.94 19.94 -5.27
C ARG A 2 -10.36 18.54 -5.38
N PHE A 3 -9.37 18.38 -6.24
CA PHE A 3 -8.72 17.08 -6.44
C PHE A 3 -7.94 16.66 -5.19
N LYS A 4 -7.52 17.66 -4.41
CA LYS A 4 -6.77 17.40 -3.19
C LYS A 4 -7.49 16.37 -2.31
N LYS A 5 -8.81 16.47 -2.26
CA LYS A 5 -9.61 15.54 -1.46
C LYS A 5 -9.56 14.14 -2.04
N PHE A 6 -9.44 14.05 -3.37
CA PHE A 6 -9.39 12.76 -4.04
C PHE A 6 -8.08 12.04 -3.74
N PHE A 7 -6.99 12.81 -3.67
CA PHE A 7 -5.68 12.25 -3.38
C PHE A 7 -5.72 11.38 -2.13
N LYS A 8 -6.29 11.91 -1.06
CA LYS A 8 -6.40 11.18 0.20
C LYS A 8 -7.22 9.91 0.03
N LYS A 9 -8.13 9.93 -0.95
CA LYS A 9 -8.98 8.78 -1.22
C LYS A 9 -8.23 7.72 -2.02
N VAL A 10 -7.36 8.17 -2.91
CA VAL A 10 -6.57 7.26 -3.74
C VAL A 10 -5.61 6.43 -2.88
N LYS A 11 -5.19 7.00 -1.76
CA LYS A 11 -4.28 6.32 -0.85
C LYS A 11 -4.89 5.03 -0.32
N LYS A 12 -6.22 5.03 -0.18
CA LYS A 12 -6.93 3.85 0.31
C LYS A 12 -7.06 2.80 -0.78
N SER A 13 -7.51 3.21 -1.96
CA SER A 13 -7.67 2.30 -3.08
C SER A 13 -6.33 1.74 -3.54
N VAL A 14 -5.39 2.64 -3.85
CA VAL A 14 -4.07 2.24 -4.29
C VAL A 14 -3.39 1.35 -3.26
N LYS A 15 -3.69 1.59 -1.99
CA LYS A 15 -3.11 0.81 -0.91
C LYS A 15 -3.28 -0.69 -1.15
N LYS A 16 -4.47 -1.07 -1.63
CA LYS A 16 -4.76 -2.46 -1.91
C LYS A 16 -3.90 -2.98 -3.07
N ARG A 17 -3.62 -2.11 -4.02
CA ARG A 17 -2.81 -2.47 -5.17
C ARG A 17 -1.38 -2.80 -4.75
N LEU A 18 -0.74 -1.84 -4.06
CA LEU A 18 0.63 -2.03 -3.60
C LEU A 18 0.76 -3.28 -2.74
N LYS A 19 -0.35 -3.68 -2.12
CA LYS A 19 -0.36 -4.87 -1.27
C LYS A 19 0.20 -6.08 -2.02
N LYS A 20 0.00 -6.10 -3.33
CA LYS A 20 0.50 -7.20 -4.16
C LYS A 20 1.99 -7.04 -4.43
N ILE A 21 2.45 -5.80 -4.52
CA ILE A 21 3.86 -5.52 -4.77
C ILE A 21 4.70 -5.80 -3.53
N PHE A 22 4.07 -5.70 -2.36
CA PHE A 22 4.77 -5.94 -1.10
C PHE A 22 4.50 -7.35 -0.59
N LYS A 23 4.21 -8.26 -1.52
CA LYS A 23 3.93 -9.65 -1.16
C LYS A 23 5.22 -10.41 -0.88
N LYS A 24 6.27 -10.06 -1.61
CA LYS A 24 7.57 -10.72 -1.44
C LYS A 24 7.99 -10.72 0.03
N PRO A 25 8.84 -11.67 0.41
CA PRO A 25 9.34 -11.81 1.78
C PRO A 25 10.29 -10.68 2.15
N MET A 26 10.33 -10.33 3.44
CA MET A 26 11.20 -9.27 3.92
C MET A 26 12.64 -9.76 4.01
N VAL A 27 12.86 -10.78 4.82
CA VAL A 27 14.20 -11.34 5.00
C VAL A 27 14.77 -11.83 3.67
N ILE A 28 16.03 -11.49 3.41
CA ILE A 28 16.69 -11.90 2.18
C ILE A 28 17.74 -12.96 2.44
N GLY A 29 17.80 -13.97 1.57
CA GLY A 29 18.77 -15.04 1.72
C GLY A 29 18.14 -16.31 2.25
N VAL A 30 16.96 -16.64 1.75
CA VAL A 30 16.26 -17.84 2.17
C VAL A 30 15.49 -18.46 1.01
N THR A 31 15.76 -19.75 0.75
CA THR A 31 15.10 -20.46 -0.33
C THR A 31 14.77 -21.89 0.08
N ILE A 32 13.64 -22.39 -0.42
CA ILE A 32 13.22 -23.75 -0.11
C ILE A 32 14.28 -24.77 -0.48
N PRO A 33 14.59 -25.68 0.46
CA PRO A 33 15.59 -26.73 0.27
C PRO A 33 15.14 -27.77 -0.75
N PHE A 34 15.73 -27.71 -1.95
CA PHE A 34 15.39 -28.65 -3.01
C PHE A 34 16.60 -28.92 -3.91
N LYS A 1 -6.91 21.97 -3.80
CA LYS A 1 -7.88 22.08 -4.88
C LYS A 1 -8.93 21.00 -4.78
N ARG A 2 -9.77 20.89 -5.81
CA ARG A 2 -10.82 19.88 -5.84
C ARG A 2 -10.23 18.48 -5.88
N PHE A 3 -9.11 18.33 -6.57
CA PHE A 3 -8.44 17.04 -6.70
C PHE A 3 -7.78 16.64 -5.38
N LYS A 4 -7.44 17.64 -4.57
CA LYS A 4 -6.79 17.41 -3.28
C LYS A 4 -7.58 16.40 -2.46
N LYS A 5 -8.91 16.48 -2.54
CA LYS A 5 -9.77 15.56 -1.81
C LYS A 5 -9.67 14.15 -2.37
N PHE A 6 -9.44 14.05 -3.67
CA PHE A 6 -9.32 12.75 -4.33
C PHE A 6 -8.06 12.03 -3.89
N PHE A 7 -6.97 12.78 -3.74
CA PHE A 7 -5.70 12.21 -3.32
C PHE A 7 -5.87 11.38 -2.05
N LYS A 8 -6.47 12.00 -1.04
CA LYS A 8 -6.69 11.32 0.24
C LYS A 8 -7.52 10.04 0.05
N LYS A 9 -8.33 10.03 -1.00
CA LYS A 9 -9.17 8.87 -1.30
C LYS A 9 -8.37 7.78 -2.00
N VAL A 10 -7.44 8.19 -2.86
CA VAL A 10 -6.59 7.26 -3.60
C VAL A 10 -5.71 6.46 -2.65
N LYS A 11 -5.37 7.07 -1.52
CA LYS A 11 -4.52 6.42 -0.53
C LYS A 11 -5.16 5.12 -0.04
N LYS A 12 -6.49 5.08 -0.01
CA LYS A 12 -7.22 3.90 0.43
C LYS A 12 -7.24 2.84 -0.66
N SER A 13 -7.61 3.25 -1.88
CA SER A 13 -7.67 2.33 -3.00
C SER A 13 -6.29 1.76 -3.33
N VAL A 14 -5.34 2.67 -3.56
CA VAL A 14 -3.97 2.26 -3.88
C VAL A 14 -3.38 1.39 -2.77
N LYS A 15 -3.79 1.65 -1.54
CA LYS A 15 -3.31 0.90 -0.39
C LYS A 15 -3.46 -0.60 -0.63
N LYS A 16 -4.54 -0.99 -1.30
CA LYS A 16 -4.80 -2.39 -1.60
C LYS A 16 -3.94 -2.88 -2.76
N ARG A 17 -3.67 -1.98 -3.70
CA ARG A 17 -2.85 -2.32 -4.86
C ARG A 17 -1.43 -2.65 -4.44
N LEU A 18 -0.87 -1.85 -3.55
CA LEU A 18 0.49 -2.05 -3.07
C LEU A 18 0.66 -3.45 -2.50
N LYS A 19 -0.44 -4.04 -2.03
CA LYS A 19 -0.43 -5.38 -1.47
C LYS A 19 0.25 -6.36 -2.43
N LYS A 20 0.10 -6.11 -3.73
CA LYS A 20 0.69 -6.97 -4.75
C LYS A 20 2.19 -6.72 -4.86
N ILE A 21 2.59 -5.47 -4.65
CA ILE A 21 4.01 -5.10 -4.74
C ILE A 21 4.78 -5.60 -3.51
N PHE A 22 4.07 -5.79 -2.41
CA PHE A 22 4.68 -6.26 -1.17
C PHE A 22 4.45 -7.75 -1.00
N LYS A 23 4.53 -8.50 -2.09
CA LYS A 23 4.34 -9.95 -2.05
C LYS A 23 5.66 -10.68 -1.92
N LYS A 24 6.68 -9.97 -1.43
CA LYS A 24 8.00 -10.56 -1.26
C LYS A 24 8.00 -11.56 -0.10
N PRO A 25 9.02 -12.44 -0.09
CA PRO A 25 9.16 -13.46 0.95
C PRO A 25 9.54 -12.86 2.30
N MET A 26 8.96 -13.41 3.37
CA MET A 26 9.24 -12.93 4.71
C MET A 26 10.61 -13.38 5.18
N VAL A 27 10.89 -14.67 5.04
CA VAL A 27 12.19 -15.22 5.44
C VAL A 27 13.33 -14.58 4.66
N ILE A 28 14.47 -14.41 5.32
CA ILE A 28 15.64 -13.80 4.69
C ILE A 28 16.60 -14.87 4.19
N GLY A 29 17.06 -14.70 2.95
CA GLY A 29 17.98 -15.65 2.36
C GLY A 29 17.30 -16.59 1.39
N VAL A 30 16.48 -16.04 0.51
CA VAL A 30 15.76 -16.83 -0.49
C VAL A 30 15.63 -16.08 -1.80
N THR A 31 16.09 -16.70 -2.89
CA THR A 31 16.01 -16.08 -4.20
C THR A 31 15.33 -17.01 -5.21
N ILE A 32 14.59 -16.42 -6.14
CA ILE A 32 13.89 -17.19 -7.15
C ILE A 32 14.85 -18.08 -7.94
N PRO A 33 14.49 -19.36 -8.08
CA PRO A 33 15.31 -20.34 -8.81
C PRO A 33 15.33 -20.07 -10.31
N PHE A 34 14.15 -19.89 -10.90
CA PHE A 34 14.03 -19.62 -12.32
C PHE A 34 14.80 -20.68 -13.13
N LYS A 1 -10.03 21.58 -8.98
CA LYS A 1 -10.29 22.40 -7.81
C LYS A 1 -10.61 21.53 -6.60
N ARG A 2 -11.51 20.57 -6.79
CA ARG A 2 -11.91 19.67 -5.71
C ARG A 2 -11.10 18.38 -5.75
N PHE A 3 -9.99 18.41 -6.48
CA PHE A 3 -9.14 17.24 -6.62
C PHE A 3 -8.43 16.94 -5.30
N LYS A 4 -8.25 17.97 -4.48
CA LYS A 4 -7.59 17.82 -3.19
C LYS A 4 -8.22 16.69 -2.38
N LYS A 5 -9.54 16.55 -2.50
CA LYS A 5 -10.26 15.50 -1.78
C LYS A 5 -9.98 14.12 -2.40
N PHE A 6 -9.75 14.10 -3.71
CA PHE A 6 -9.46 12.86 -4.41
C PHE A 6 -8.13 12.27 -3.95
N PHE A 7 -7.12 13.13 -3.81
CA PHE A 7 -5.80 12.70 -3.38
C PHE A 7 -5.88 11.87 -2.10
N LYS A 8 -6.70 12.33 -1.16
CA LYS A 8 -6.86 11.64 0.11
C LYS A 8 -7.58 10.29 -0.09
N LYS A 9 -8.39 10.22 -1.15
CA LYS A 9 -9.12 8.99 -1.46
C LYS A 9 -8.21 7.97 -2.13
N VAL A 10 -7.29 8.45 -2.96
CA VAL A 10 -6.36 7.58 -3.66
C VAL A 10 -5.45 6.85 -2.68
N LYS A 11 -5.20 7.47 -1.54
CA LYS A 11 -4.35 6.87 -0.51
C LYS A 11 -4.90 5.52 -0.05
N LYS A 12 -6.22 5.40 -0.08
CA LYS A 12 -6.88 4.16 0.33
C LYS A 12 -6.79 3.10 -0.77
N SER A 13 -7.13 3.49 -1.99
CA SER A 13 -7.08 2.58 -3.13
C SER A 13 -5.66 2.12 -3.40
N VAL A 14 -4.76 3.09 -3.59
CA VAL A 14 -3.35 2.79 -3.86
C VAL A 14 -2.75 1.96 -2.73
N LYS A 15 -3.23 2.18 -1.51
CA LYS A 15 -2.73 1.46 -0.35
C LYS A 15 -2.76 -0.05 -0.59
N LYS A 16 -3.85 -0.53 -1.17
CA LYS A 16 -4.01 -1.94 -1.46
C LYS A 16 -3.08 -2.37 -2.59
N ARG A 17 -2.75 -1.42 -3.48
CA ARG A 17 -1.87 -1.70 -4.60
C ARG A 17 -0.55 -2.31 -4.13
N LEU A 18 -0.11 -1.91 -2.93
CA LEU A 18 1.13 -2.41 -2.37
C LEU A 18 1.02 -3.89 -2.05
N LYS A 19 -0.20 -4.36 -1.81
CA LYS A 19 -0.44 -5.76 -1.50
C LYS A 19 0.21 -6.67 -2.54
N LYS A 20 0.30 -6.18 -3.77
CA LYS A 20 0.89 -6.94 -4.86
C LYS A 20 2.42 -6.91 -4.78
N ILE A 21 2.96 -5.77 -4.33
CA ILE A 21 4.40 -5.61 -4.20
C ILE A 21 4.94 -6.44 -3.04
N PHE A 22 4.10 -6.68 -2.05
CA PHE A 22 4.49 -7.45 -0.87
C PHE A 22 4.02 -8.90 -0.99
N LYS A 23 4.02 -9.43 -2.21
CA LYS A 23 3.59 -10.79 -2.46
C LYS A 23 4.69 -11.79 -2.09
N LYS A 24 5.93 -11.40 -2.33
CA LYS A 24 7.08 -12.25 -2.02
C LYS A 24 7.00 -12.76 -0.59
N PRO A 25 7.64 -13.91 -0.33
CA PRO A 25 7.67 -14.53 1.00
C PRO A 25 8.51 -13.73 1.99
N MET A 26 7.83 -13.04 2.90
CA MET A 26 8.52 -12.23 3.91
C MET A 26 8.89 -13.08 5.13
N VAL A 27 7.88 -13.51 5.87
CA VAL A 27 8.10 -14.33 7.06
C VAL A 27 8.74 -15.66 6.70
N ILE A 28 9.68 -16.11 7.52
CA ILE A 28 10.38 -17.37 7.28
C ILE A 28 10.28 -18.28 8.50
N GLY A 29 10.16 -19.59 8.25
CA GLY A 29 10.06 -20.55 9.33
C GLY A 29 8.64 -20.76 9.80
N VAL A 30 7.74 -21.02 8.85
CA VAL A 30 6.34 -21.25 9.17
C VAL A 30 5.71 -22.26 8.22
N THR A 31 5.12 -23.31 8.78
CA THR A 31 4.48 -24.35 7.97
C THR A 31 3.24 -24.89 8.66
N ILE A 32 2.22 -25.20 7.88
CA ILE A 32 0.97 -25.73 8.41
C ILE A 32 1.22 -26.98 9.27
N PRO A 33 0.65 -27.01 10.47
CA PRO A 33 0.79 -28.13 11.40
C PRO A 33 0.06 -29.38 10.91
N PHE A 34 -1.19 -29.22 10.51
CA PHE A 34 -2.00 -30.34 10.03
C PHE A 34 -2.02 -31.48 11.05
N LYS A 1 -5.46 20.67 -7.35
CA LYS A 1 -6.03 21.63 -6.41
C LYS A 1 -7.25 21.05 -5.71
N ARG A 2 -8.24 20.63 -6.49
CA ARG A 2 -9.46 20.06 -5.93
C ARG A 2 -9.34 18.54 -5.81
N PHE A 3 -8.57 17.93 -6.71
CA PHE A 3 -8.37 16.49 -6.71
C PHE A 3 -7.55 16.07 -5.49
N LYS A 4 -6.80 17.00 -4.93
CA LYS A 4 -5.98 16.72 -3.75
C LYS A 4 -6.80 16.08 -2.64
N LYS A 5 -7.96 16.66 -2.36
CA LYS A 5 -8.85 16.14 -1.32
C LYS A 5 -9.27 14.71 -1.64
N PHE A 6 -9.26 14.36 -2.92
CA PHE A 6 -9.65 13.03 -3.36
C PHE A 6 -8.47 12.06 -3.24
N PHE A 7 -7.26 12.60 -3.31
CA PHE A 7 -6.06 11.79 -3.21
C PHE A 7 -6.12 10.88 -1.98
N LYS A 8 -6.45 11.46 -0.83
CA LYS A 8 -6.54 10.71 0.41
C LYS A 8 -7.60 9.62 0.31
N LYS A 9 -8.65 9.89 -0.45
CA LYS A 9 -9.73 8.94 -0.64
C LYS A 9 -9.28 7.74 -1.47
N VAL A 10 -8.43 8.01 -2.47
CA VAL A 10 -7.92 6.96 -3.34
C VAL A 10 -6.78 6.20 -2.66
N LYS A 11 -6.07 6.88 -1.76
CA LYS A 11 -4.96 6.27 -1.04
C LYS A 11 -5.38 4.94 -0.42
N LYS A 12 -6.65 4.84 -0.05
CA LYS A 12 -7.18 3.63 0.56
C LYS A 12 -7.30 2.51 -0.46
N SER A 13 -7.96 2.80 -1.59
CA SER A 13 -8.13 1.82 -2.64
C SER A 13 -6.79 1.46 -3.28
N VAL A 14 -6.08 2.48 -3.75
CA VAL A 14 -4.78 2.28 -4.39
C VAL A 14 -3.85 1.49 -3.49
N LYS A 15 -3.97 1.69 -2.18
CA LYS A 15 -3.14 1.00 -1.21
C LYS A 15 -3.18 -0.51 -1.44
N LYS A 16 -4.37 -1.03 -1.71
CA LYS A 16 -4.54 -2.46 -1.95
C LYS A 16 -3.74 -2.90 -3.18
N ARG A 17 -3.65 -2.01 -4.16
CA ARG A 17 -2.91 -2.30 -5.39
C ARG A 17 -1.44 -2.58 -5.09
N LEU A 18 -0.86 -1.75 -4.21
CA LEU A 18 0.55 -1.90 -3.84
C LEU A 18 0.76 -3.14 -2.99
N LYS A 19 -0.30 -3.58 -2.30
CA LYS A 19 -0.23 -4.75 -1.45
C LYS A 19 0.34 -5.94 -2.22
N LYS A 20 0.10 -5.97 -3.51
CA LYS A 20 0.60 -7.05 -4.36
C LYS A 20 2.09 -6.88 -4.66
N ILE A 21 2.50 -5.62 -4.80
CA ILE A 21 3.90 -5.31 -5.09
C ILE A 21 4.78 -5.55 -3.87
N PHE A 22 4.18 -5.48 -2.68
CA PHE A 22 4.91 -5.69 -1.43
C PHE A 22 4.66 -7.10 -0.89
N LYS A 23 4.63 -8.08 -1.80
CA LYS A 23 4.41 -9.45 -1.42
C LYS A 23 5.66 -10.07 -0.80
N LYS A 24 6.82 -9.53 -1.18
CA LYS A 24 8.09 -10.00 -0.66
C LYS A 24 8.14 -9.92 0.86
N PRO A 25 9.05 -10.67 1.48
CA PRO A 25 9.22 -10.69 2.93
C PRO A 25 9.80 -9.38 3.47
N MET A 26 9.48 -9.06 4.72
CA MET A 26 9.97 -7.85 5.35
C MET A 26 11.14 -8.15 6.28
N VAL A 27 12.35 -8.08 5.74
CA VAL A 27 13.56 -8.34 6.51
C VAL A 27 13.82 -7.22 7.51
N ILE A 28 14.28 -7.60 8.70
CA ILE A 28 14.57 -6.62 9.75
C ILE A 28 16.03 -6.71 10.19
N GLY A 29 16.62 -5.57 10.50
CA GLY A 29 18.00 -5.53 10.93
C GLY A 29 18.92 -4.88 9.92
N VAL A 30 18.46 -4.80 8.67
CA VAL A 30 19.24 -4.19 7.60
C VAL A 30 18.35 -3.41 6.64
N THR A 31 18.66 -2.14 6.46
CA THR A 31 17.89 -1.28 5.57
C THR A 31 18.13 -1.65 4.11
N ILE A 32 17.07 -1.56 3.30
CA ILE A 32 17.17 -1.88 1.88
C ILE A 32 18.21 -0.99 1.19
N PRO A 33 19.09 -1.61 0.39
CA PRO A 33 20.13 -0.90 -0.34
C PRO A 33 19.57 -0.05 -1.48
N PHE A 34 19.49 1.25 -1.27
CA PHE A 34 18.97 2.17 -2.27
C PHE A 34 19.74 3.49 -2.27
N LYS A 1 -10.90 22.98 -8.52
CA LYS A 1 -9.69 22.52 -7.87
C LYS A 1 -10.01 21.69 -6.63
N ARG A 2 -10.98 20.79 -6.75
CA ARG A 2 -11.37 19.94 -5.64
C ARG A 2 -10.65 18.59 -5.69
N PHE A 3 -9.59 18.53 -6.48
CA PHE A 3 -8.82 17.30 -6.62
C PHE A 3 -8.19 16.90 -5.30
N LYS A 4 -7.97 17.88 -4.43
CA LYS A 4 -7.37 17.64 -3.12
C LYS A 4 -8.11 16.53 -2.38
N LYS A 5 -9.44 16.51 -2.54
CA LYS A 5 -10.27 15.50 -1.89
C LYS A 5 -10.03 14.12 -2.51
N PHE A 6 -9.74 14.10 -3.80
CA PHE A 6 -9.49 12.86 -4.51
C PHE A 6 -8.21 12.19 -4.02
N PHE A 7 -7.18 13.00 -3.81
CA PHE A 7 -5.89 12.50 -3.34
C PHE A 7 -6.07 11.62 -2.10
N LYS A 8 -6.71 12.19 -1.08
CA LYS A 8 -6.95 11.47 0.16
C LYS A 8 -7.68 10.16 -0.09
N LYS A 9 -8.45 10.12 -1.17
CA LYS A 9 -9.21 8.93 -1.53
C LYS A 9 -8.31 7.91 -2.21
N VAL A 10 -7.37 8.38 -3.03
CA VAL A 10 -6.46 7.50 -3.73
C VAL A 10 -5.53 6.78 -2.75
N LYS A 11 -5.27 7.41 -1.62
CA LYS A 11 -4.41 6.84 -0.60
C LYS A 11 -4.97 5.52 -0.09
N LYS A 12 -6.29 5.40 -0.08
CA LYS A 12 -6.96 4.18 0.37
C LYS A 12 -6.90 3.10 -0.70
N SER A 13 -7.27 3.47 -1.93
CA SER A 13 -7.27 2.52 -3.03
C SER A 13 -5.85 2.04 -3.33
N VAL A 14 -4.94 2.98 -3.56
CA VAL A 14 -3.55 2.66 -3.86
C VAL A 14 -2.93 1.86 -2.74
N LYS A 15 -3.37 2.12 -1.51
CA LYS A 15 -2.85 1.41 -0.34
C LYS A 15 -2.91 -0.10 -0.55
N LYS A 16 -4.05 -0.58 -1.03
CA LYS A 16 -4.23 -2.01 -1.28
C LYS A 16 -3.33 -2.49 -2.41
N ARG A 17 -3.01 -1.57 -3.32
CA ARG A 17 -2.16 -1.90 -4.46
C ARG A 17 -0.81 -2.45 -4.00
N LEU A 18 -0.35 -1.97 -2.86
CA LEU A 18 0.92 -2.41 -2.30
C LEU A 18 0.90 -3.91 -2.01
N LYS A 19 -0.29 -4.44 -1.78
CA LYS A 19 -0.46 -5.86 -1.50
C LYS A 19 0.22 -6.71 -2.58
N LYS A 20 0.26 -6.20 -3.79
CA LYS A 20 0.89 -6.90 -4.90
C LYS A 20 2.40 -6.77 -4.85
N ILE A 21 2.88 -5.63 -4.37
CA ILE A 21 4.30 -5.38 -4.26
C ILE A 21 4.93 -6.19 -3.13
N PHE A 22 4.10 -6.52 -2.14
CA PHE A 22 4.56 -7.30 -0.99
C PHE A 22 4.19 -8.77 -1.14
N LYS A 23 4.25 -9.27 -2.38
CA LYS A 23 3.92 -10.66 -2.65
C LYS A 23 5.05 -11.58 -2.24
N LYS A 24 6.28 -11.07 -2.29
CA LYS A 24 7.45 -11.85 -1.92
C LYS A 24 7.39 -12.24 -0.44
N PRO A 25 8.18 -13.27 -0.07
CA PRO A 25 8.24 -13.76 1.31
C PRO A 25 8.92 -12.77 2.24
N MET A 26 8.37 -12.63 3.46
CA MET A 26 8.93 -11.72 4.44
C MET A 26 9.67 -12.48 5.52
N VAL A 27 9.04 -13.54 6.05
CA VAL A 27 9.64 -14.35 7.09
C VAL A 27 8.79 -15.58 7.39
N ILE A 28 9.45 -16.70 7.66
CA ILE A 28 8.75 -17.94 7.96
C ILE A 28 8.54 -18.11 9.46
N GLY A 29 7.31 -18.37 9.86
CA GLY A 29 7.00 -18.53 11.27
C GLY A 29 6.20 -17.39 11.83
N VAL A 30 5.11 -17.03 11.16
CA VAL A 30 4.25 -15.94 11.61
C VAL A 30 2.78 -16.29 11.47
N THR A 31 2.10 -16.43 12.60
CA THR A 31 0.68 -16.77 12.60
C THR A 31 -0.17 -15.56 12.24
N ILE A 32 -1.25 -15.80 11.49
CA ILE A 32 -2.14 -14.74 11.08
C ILE A 32 -2.81 -14.08 12.29
N PRO A 33 -2.76 -12.74 12.33
CA PRO A 33 -3.35 -11.95 13.42
C PRO A 33 -4.87 -11.99 13.40
N PHE A 34 -5.45 -12.00 12.21
CA PHE A 34 -6.90 -12.03 12.05
C PHE A 34 -7.33 -13.31 11.35
N LYS A 1 -8.44 23.14 -8.86
CA LYS A 1 -8.63 21.70 -8.76
C LYS A 1 -8.77 21.26 -7.31
N ARG A 2 -9.77 20.42 -7.05
CA ARG A 2 -10.01 19.93 -5.70
C ARG A 2 -9.65 18.45 -5.57
N PHE A 3 -8.88 17.96 -6.55
CA PHE A 3 -8.48 16.56 -6.56
C PHE A 3 -7.73 16.20 -5.28
N LYS A 4 -7.15 17.21 -4.64
CA LYS A 4 -6.41 17.02 -3.39
C LYS A 4 -7.25 16.23 -2.38
N LYS A 5 -8.50 16.63 -2.24
CA LYS A 5 -9.42 15.96 -1.31
C LYS A 5 -9.64 14.51 -1.72
N PHE A 6 -9.53 14.24 -3.01
CA PHE A 6 -9.73 12.89 -3.53
C PHE A 6 -8.48 12.03 -3.32
N PHE A 7 -7.33 12.69 -3.24
CA PHE A 7 -6.06 11.99 -3.05
C PHE A 7 -6.15 11.04 -1.84
N LYS A 8 -6.68 11.54 -0.75
CA LYS A 8 -6.83 10.74 0.47
C LYS A 8 -7.76 9.56 0.23
N LYS A 9 -8.73 9.75 -0.66
CA LYS A 9 -9.69 8.69 -0.99
C LYS A 9 -9.02 7.59 -1.80
N VAL A 10 -8.12 7.97 -2.68
CA VAL A 10 -7.40 7.01 -3.53
C VAL A 10 -6.27 6.33 -2.75
N LYS A 11 -5.74 7.04 -1.77
CA LYS A 11 -4.65 6.51 -0.94
C LYS A 11 -5.00 5.13 -0.40
N LYS A 12 -6.29 4.90 -0.18
CA LYS A 12 -6.76 3.61 0.33
C LYS A 12 -6.80 2.56 -0.77
N SER A 13 -7.46 2.91 -1.88
CA SER A 13 -7.58 2.01 -3.01
C SER A 13 -6.20 1.65 -3.57
N VAL A 14 -5.43 2.67 -3.92
CA VAL A 14 -4.09 2.48 -4.47
C VAL A 14 -3.22 1.67 -3.51
N LYS A 15 -3.42 1.89 -2.22
CA LYS A 15 -2.66 1.19 -1.20
C LYS A 15 -2.69 -0.31 -1.42
N LYS A 16 -3.89 -0.85 -1.67
CA LYS A 16 -4.06 -2.27 -1.92
C LYS A 16 -3.31 -2.70 -3.17
N ARG A 17 -3.30 -1.82 -4.17
CA ARG A 17 -2.62 -2.12 -5.43
C ARG A 17 -1.17 -2.54 -5.19
N LEU A 18 -0.41 -1.68 -4.52
CA LEU A 18 0.98 -1.97 -4.22
C LEU A 18 1.11 -3.02 -3.13
N LYS A 19 0.07 -3.12 -2.30
CA LYS A 19 0.05 -4.10 -1.22
C LYS A 19 0.37 -5.50 -1.74
N LYS A 20 0.01 -5.76 -2.99
CA LYS A 20 0.27 -7.05 -3.61
C LYS A 20 1.71 -7.16 -4.08
N ILE A 21 2.28 -6.04 -4.50
CA ILE A 21 3.66 -6.01 -4.97
C ILE A 21 4.64 -6.13 -3.81
N PHE A 22 4.19 -5.72 -2.63
CA PHE A 22 5.03 -5.77 -1.43
C PHE A 22 4.66 -6.98 -0.56
N LYS A 23 4.12 -8.01 -1.19
CA LYS A 23 3.72 -9.23 -0.48
C LYS A 23 4.85 -10.25 -0.49
N LYS A 24 5.67 -10.22 -1.54
CA LYS A 24 6.78 -11.15 -1.67
C LYS A 24 7.75 -11.01 -0.49
N PRO A 25 8.57 -12.05 -0.26
CA PRO A 25 9.55 -12.06 0.83
C PRO A 25 10.69 -11.07 0.60
N MET A 26 10.46 -9.81 0.97
CA MET A 26 11.47 -8.78 0.80
C MET A 26 12.68 -9.05 1.68
N VAL A 27 12.51 -8.88 2.99
CA VAL A 27 13.60 -9.11 3.93
C VAL A 27 13.98 -10.58 3.99
N ILE A 28 15.26 -10.85 4.20
CA ILE A 28 15.75 -12.23 4.27
C ILE A 28 15.74 -12.74 5.71
N GLY A 29 15.06 -13.86 5.93
CA GLY A 29 14.99 -14.42 7.27
C GLY A 29 13.63 -14.24 7.90
N VAL A 30 12.58 -14.58 7.16
CA VAL A 30 11.21 -14.45 7.67
C VAL A 30 10.30 -15.53 7.07
N THR A 31 9.69 -16.32 7.95
CA THR A 31 8.81 -17.39 7.52
C THR A 31 7.44 -17.28 8.20
N ILE A 32 6.39 -17.62 7.47
CA ILE A 32 5.04 -17.56 8.01
C ILE A 32 4.89 -18.47 9.24
N PRO A 33 4.32 -17.91 10.31
CA PRO A 33 4.11 -18.65 11.56
C PRO A 33 3.05 -19.74 11.42
N PHE A 34 3.49 -20.99 11.30
CA PHE A 34 2.58 -22.11 11.15
C PHE A 34 3.27 -23.43 11.53
#